data_4TKF
#
_entry.id   4TKF
#
_cell.length_a   73.360
_cell.length_b   78.590
_cell.length_c   151.750
_cell.angle_alpha   90.000
_cell.angle_beta   90.000
_cell.angle_gamma   90.000
#
_symmetry.space_group_name_H-M   'P 21 21 21'
#
loop_
_entity.id
_entity.type
_entity.pdbx_description
1 polymer Tankyrase-2
2 non-polymer 'ZINC ION'
3 non-polymer 4-[(3aR,4R,7S,7aS)-1,3-dioxooctahydro-2H-4,7-methanoisoindol-2-yl]-N-(quinolin-8-yl)benzamide
4 non-polymer 3-aminobenzamide
5 water water
#
_entity_poly.entity_id   1
_entity_poly.type   'polypeptide(L)'
_entity_poly.pdbx_seq_one_letter_code
;MGSSHHHHHHSSGRENLYFQGSPDDKEFQSVEEEMQSTVREHRDGGHAGGIFNRYNILKIQKVCNKKLWERYTHRRKEVS
EENHNHANERMLFHGSPFVNAIIHKGFDERHAYIGGMFGAGIYFAENSSKSNQYVYGIGGGTGCPVHKDRSCYICHRQLL
FCRVTLGKSFLQFSAMKMAHSPPGHHSVTGRPSVNGLALAEYVIYRGEQAYPEYLITYQIMRPEGMV
;
_entity_poly.pdbx_strand_id   A,B,C,D
#
loop_
_chem_comp.id
_chem_comp.type
_chem_comp.name
_chem_comp.formula
33C non-polymer 4-[(3aR,4R,7S,7aS)-1,3-dioxooctahydro-2H-4,7-methanoisoindol-2-yl]-N-(quinolin-8-yl)benzamide 'C25 H21 N3 O3'
3AB non-polymer 3-aminobenzamide 'C7 H8 N2 O'
ZN non-polymer 'ZINC ION' 'Zn 2'
#
# COMPACT_ATOMS: atom_id res chain seq x y z
N ASP A 25 12.50 -33.41 -33.52
CA ASP A 25 12.89 -34.61 -34.27
C ASP A 25 11.94 -35.75 -33.91
N LYS A 26 12.31 -36.57 -32.90
CA LYS A 26 11.49 -37.67 -32.38
C LYS A 26 10.61 -37.07 -31.27
N GLU A 27 11.15 -36.01 -30.63
CA GLU A 27 10.53 -35.23 -29.58
C GLU A 27 9.31 -34.47 -30.12
N PHE A 28 9.47 -33.80 -31.27
CA PHE A 28 8.37 -33.06 -31.88
C PHE A 28 7.31 -33.96 -32.53
N GLN A 29 7.72 -35.15 -33.05
CA GLN A 29 6.78 -36.08 -33.67
C GLN A 29 5.85 -36.68 -32.65
N SER A 30 6.33 -36.95 -31.41
CA SER A 30 5.45 -37.46 -30.36
C SER A 30 4.48 -36.37 -29.93
N VAL A 31 4.90 -35.06 -29.98
CA VAL A 31 4.03 -33.92 -29.70
C VAL A 31 2.97 -33.85 -30.80
N GLU A 32 3.39 -33.97 -32.09
CA GLU A 32 2.49 -33.97 -33.23
C GLU A 32 1.54 -35.17 -33.19
N GLU A 33 2.03 -36.36 -32.79
CA GLU A 33 1.21 -37.56 -32.65
C GLU A 33 0.17 -37.38 -31.54
N GLU A 34 0.59 -36.78 -30.41
CA GLU A 34 -0.32 -36.52 -29.30
C GLU A 34 -1.35 -35.47 -29.64
N MET A 35 -0.94 -34.44 -30.40
CA MET A 35 -1.87 -33.41 -30.85
C MET A 35 -2.96 -34.03 -31.74
N GLN A 36 -2.57 -34.89 -32.71
CA GLN A 36 -3.57 -35.50 -33.62
C GLN A 36 -4.38 -36.64 -33.01
N SER A 37 -3.75 -37.57 -32.30
CA SER A 37 -4.44 -38.73 -31.70
C SER A 37 -5.54 -38.39 -30.68
N THR A 38 -5.44 -37.20 -30.06
CA THR A 38 -6.34 -36.78 -28.97
C THR A 38 -7.53 -35.94 -29.39
N VAL A 39 -7.84 -35.90 -30.67
CA VAL A 39 -9.02 -35.18 -31.18
C VAL A 39 -10.29 -35.99 -30.82
N ARG A 40 -11.37 -35.30 -30.43
CA ARG A 40 -12.63 -35.96 -30.11
C ARG A 40 -13.81 -35.29 -30.79
N GLU A 41 -14.95 -36.00 -30.78
CA GLU A 41 -16.24 -35.56 -31.31
C GLU A 41 -16.85 -34.78 -30.14
N HIS A 42 -16.97 -33.44 -30.28
CA HIS A 42 -17.50 -32.59 -29.21
C HIS A 42 -19.00 -32.45 -29.14
N ARG A 43 -19.53 -32.59 -27.89
CA ARG A 43 -20.95 -32.50 -27.52
C ARG A 43 -21.55 -31.09 -27.72
N ASP A 44 -20.84 -30.24 -28.51
CA ASP A 44 -21.26 -28.90 -28.89
C ASP A 44 -21.37 -28.83 -30.42
N GLY A 45 -21.00 -29.94 -31.07
CA GLY A 45 -21.00 -30.12 -32.52
C GLY A 45 -20.00 -29.24 -33.26
N GLY A 46 -18.85 -28.99 -32.62
CA GLY A 46 -17.80 -28.12 -33.13
C GLY A 46 -18.08 -26.64 -33.06
N HIS A 47 -19.17 -26.22 -32.37
CA HIS A 47 -19.54 -24.81 -32.22
C HIS A 47 -18.41 -23.93 -31.72
N ALA A 48 -17.70 -24.35 -30.63
CA ALA A 48 -16.60 -23.59 -29.99
C ALA A 48 -15.24 -23.56 -30.72
N GLY A 49 -14.67 -24.72 -31.01
CA GLY A 49 -13.35 -24.79 -31.63
C GLY A 49 -13.28 -24.89 -33.15
N GLY A 50 -14.34 -25.44 -33.75
CA GLY A 50 -14.45 -25.61 -35.19
C GLY A 50 -14.80 -27.01 -35.67
N ILE A 51 -15.04 -27.15 -37.00
CA ILE A 51 -15.34 -28.45 -37.61
C ILE A 51 -14.02 -29.05 -38.17
N PHE A 52 -13.57 -30.17 -37.59
CA PHE A 52 -12.32 -30.82 -37.96
C PHE A 52 -12.18 -32.21 -37.31
N ASN A 53 -11.34 -33.07 -37.88
CA ASN A 53 -11.02 -34.40 -37.33
C ASN A 53 -9.49 -34.46 -37.06
N ARG A 54 -8.78 -33.47 -37.64
CA ARG A 54 -7.34 -33.33 -37.64
C ARG A 54 -6.90 -31.88 -37.85
N TYR A 55 -5.65 -31.62 -37.48
CA TYR A 55 -5.01 -30.32 -37.60
C TYR A 55 -3.94 -30.35 -38.68
N ASN A 56 -3.41 -29.18 -38.99
CA ASN A 56 -2.27 -29.04 -39.85
C ASN A 56 -1.27 -28.31 -38.94
N ILE A 57 -0.36 -29.09 -38.31
CA ILE A 57 0.67 -28.54 -37.42
C ILE A 57 1.66 -27.76 -38.28
N LEU A 58 1.89 -26.48 -37.94
CA LEU A 58 2.76 -25.60 -38.69
C LEU A 58 4.16 -25.55 -38.05
N LYS A 59 4.23 -25.36 -36.71
CA LYS A 59 5.48 -25.41 -35.96
C LYS A 59 5.31 -25.88 -34.51
N ILE A 60 6.32 -26.59 -34.01
CA ILE A 60 6.40 -27.01 -32.62
C ILE A 60 7.68 -26.38 -32.09
N GLN A 61 7.53 -25.42 -31.20
CA GLN A 61 8.62 -24.69 -30.62
C GLN A 61 8.68 -25.09 -29.17
N LYS A 62 9.88 -25.47 -28.70
CA LYS A 62 10.12 -25.85 -27.32
C LYS A 62 10.43 -24.58 -26.56
N VAL A 63 9.56 -24.25 -25.60
CA VAL A 63 9.72 -23.08 -24.76
C VAL A 63 10.80 -23.37 -23.76
N CYS A 64 11.86 -22.58 -23.78
CA CYS A 64 12.97 -22.68 -22.85
C CYS A 64 13.08 -21.35 -22.08
N ASN A 65 12.42 -21.34 -20.91
CA ASN A 65 12.35 -20.22 -19.98
C ASN A 65 12.78 -20.80 -18.63
N LYS A 66 14.06 -20.58 -18.28
CA LYS A 66 14.69 -21.12 -17.07
C LYS A 66 14.07 -20.61 -15.78
N LYS A 67 13.60 -19.34 -15.75
CA LYS A 67 12.95 -18.80 -14.54
C LYS A 67 11.63 -19.54 -14.29
N LEU A 68 10.88 -19.84 -15.37
CA LEU A 68 9.63 -20.60 -15.32
C LEU A 68 9.88 -22.05 -14.99
N TRP A 69 10.98 -22.62 -15.52
CA TRP A 69 11.35 -23.98 -15.20
C TRP A 69 11.75 -24.12 -13.72
N GLU A 70 12.50 -23.13 -13.18
CA GLU A 70 12.91 -23.15 -11.76
C GLU A 70 11.69 -23.16 -10.84
N ARG A 71 10.72 -22.28 -11.13
CA ARG A 71 9.45 -22.13 -10.41
C ARG A 71 8.74 -23.48 -10.43
N TYR A 72 8.65 -24.09 -11.65
CA TYR A 72 7.97 -25.36 -11.85
C TYR A 72 8.57 -26.51 -11.07
N THR A 73 9.89 -26.75 -11.21
CA THR A 73 10.63 -27.81 -10.51
C THR A 73 10.61 -27.62 -8.97
N HIS A 74 10.60 -26.36 -8.51
CA HIS A 74 10.53 -26.13 -7.09
C HIS A 74 9.20 -26.58 -6.54
N ARG A 75 8.11 -26.15 -7.18
CA ARG A 75 6.78 -26.52 -6.74
C ARG A 75 6.55 -28.02 -6.87
N ARG A 76 7.11 -28.61 -7.94
CA ARG A 76 7.02 -30.03 -8.24
C ARG A 76 7.56 -30.84 -7.08
N LYS A 77 8.75 -30.44 -6.53
CA LYS A 77 9.42 -31.06 -5.39
C LYS A 77 8.52 -30.96 -4.15
N GLU A 78 8.05 -29.75 -3.75
CA GLU A 78 7.10 -29.56 -2.63
C GLU A 78 5.93 -30.55 -2.75
N VAL A 79 5.26 -30.58 -3.93
CA VAL A 79 4.11 -31.45 -4.22
C VAL A 79 4.47 -32.94 -4.04
N SER A 80 5.61 -33.41 -4.65
CA SER A 80 6.09 -34.80 -4.52
C SER A 80 6.17 -35.20 -3.05
N GLU A 81 6.71 -34.32 -2.19
CA GLU A 81 6.88 -34.52 -0.74
C GLU A 81 5.54 -34.58 0.01
N GLU A 82 4.48 -34.03 -0.57
CA GLU A 82 3.16 -34.04 0.09
C GLU A 82 2.27 -35.10 -0.56
N ASN A 83 2.88 -35.93 -1.41
CA ASN A 83 2.20 -37.00 -2.14
C ASN A 83 3.14 -38.18 -2.44
N HIS A 84 3.70 -38.77 -1.38
CA HIS A 84 4.52 -39.99 -1.40
C HIS A 84 5.65 -40.02 -2.46
N ASN A 85 6.49 -38.98 -2.51
CA ASN A 85 7.59 -38.83 -3.51
C ASN A 85 7.08 -38.91 -4.98
N HIS A 86 5.78 -38.60 -5.19
CA HIS A 86 5.12 -38.62 -6.48
C HIS A 86 4.49 -37.25 -6.83
N ALA A 87 4.98 -36.62 -7.92
CA ALA A 87 4.45 -35.33 -8.36
C ALA A 87 3.14 -35.47 -9.10
N ASN A 88 2.86 -36.67 -9.66
CA ASN A 88 1.70 -36.93 -10.54
C ASN A 88 1.72 -35.93 -11.72
N GLU A 89 2.85 -35.91 -12.43
CA GLU A 89 3.09 -35.08 -13.59
C GLU A 89 2.45 -35.71 -14.82
N ARG A 90 1.73 -34.91 -15.60
CA ARG A 90 1.06 -35.35 -16.81
C ARG A 90 1.41 -34.39 -17.93
N MET A 91 1.39 -34.87 -19.20
CA MET A 91 1.62 -33.96 -20.32
C MET A 91 0.25 -33.59 -20.85
N LEU A 92 -0.13 -32.31 -20.66
CA LEU A 92 -1.47 -31.85 -20.97
C LEU A 92 -1.53 -30.60 -21.86
N PHE A 93 -2.63 -30.48 -22.59
CA PHE A 93 -2.87 -29.35 -23.46
C PHE A 93 -3.55 -28.20 -22.73
N HIS A 94 -3.24 -26.97 -23.14
CA HIS A 94 -3.84 -25.78 -22.62
C HIS A 94 -4.10 -24.89 -23.79
N GLY A 95 -5.35 -24.47 -23.88
CA GLY A 95 -5.86 -23.57 -24.90
C GLY A 95 -6.34 -22.31 -24.25
N SER A 96 -5.74 -21.17 -24.62
CA SER A 96 -6.12 -19.90 -24.03
C SER A 96 -5.78 -18.80 -24.96
N PRO A 97 -6.54 -17.67 -24.97
CA PRO A 97 -6.11 -16.50 -25.76
C PRO A 97 -4.84 -15.82 -25.25
N PHE A 98 -4.25 -16.31 -24.13
CA PHE A 98 -3.12 -15.70 -23.45
C PHE A 98 -1.80 -16.46 -23.50
N VAL A 99 -1.68 -17.35 -24.46
CA VAL A 99 -0.53 -18.22 -24.73
C VAL A 99 0.80 -17.49 -24.86
N ASN A 100 0.86 -16.32 -25.53
CA ASN A 100 2.15 -15.61 -25.61
C ASN A 100 2.56 -14.99 -24.29
N ALA A 101 1.58 -14.55 -23.49
CA ALA A 101 1.85 -13.98 -22.19
C ALA A 101 2.40 -15.09 -21.30
N ILE A 102 1.75 -16.27 -21.38
CA ILE A 102 2.12 -17.48 -20.63
C ILE A 102 3.54 -17.89 -21.00
N ILE A 103 3.91 -17.82 -22.30
CA ILE A 103 5.25 -18.28 -22.65
C ILE A 103 6.37 -17.45 -22.07
N HIS A 104 6.06 -16.21 -21.69
CA HIS A 104 6.99 -15.22 -21.12
C HIS A 104 6.90 -15.13 -19.61
N LYS A 105 5.67 -14.95 -19.09
CA LYS A 105 5.40 -14.76 -17.66
C LYS A 105 4.94 -16.01 -16.90
N GLY A 106 4.73 -17.11 -17.59
CA GLY A 106 4.23 -18.36 -17.00
C GLY A 106 2.75 -18.31 -16.71
N PHE A 107 2.16 -19.46 -16.35
CA PHE A 107 0.76 -19.52 -15.97
C PHE A 107 0.53 -18.71 -14.70
N ASP A 108 -0.60 -18.09 -14.58
CA ASP A 108 -0.85 -17.20 -13.45
C ASP A 108 -2.30 -17.26 -13.12
N GLU A 109 -2.57 -17.81 -11.92
CA GLU A 109 -3.90 -18.02 -11.33
C GLU A 109 -4.53 -16.70 -10.97
N ARG A 110 -3.75 -15.60 -10.97
CA ARG A 110 -4.33 -14.27 -10.71
C ARG A 110 -5.25 -13.86 -11.88
N HIS A 111 -4.99 -14.41 -13.11
CA HIS A 111 -5.75 -14.26 -14.35
C HIS A 111 -6.86 -15.31 -14.57
N ALA A 112 -6.98 -16.26 -13.66
CA ALA A 112 -7.97 -17.30 -13.74
C ALA A 112 -9.40 -16.75 -13.54
N TYR A 113 -10.33 -17.11 -14.46
CA TYR A 113 -11.75 -16.74 -14.44
C TYR A 113 -12.36 -17.49 -13.28
N ILE A 114 -13.05 -16.76 -12.40
CA ILE A 114 -13.69 -17.22 -11.15
C ILE A 114 -14.93 -18.12 -11.35
N GLY A 115 -15.70 -17.88 -12.41
CA GLY A 115 -16.92 -18.63 -12.70
C GLY A 115 -16.79 -19.79 -13.66
N GLY A 116 -15.58 -20.37 -13.75
CA GLY A 116 -15.34 -21.54 -14.61
C GLY A 116 -16.04 -22.75 -14.04
N MET A 117 -16.18 -23.83 -14.83
CA MET A 117 -16.83 -25.09 -14.38
C MET A 117 -16.27 -25.58 -13.02
N PHE A 118 -14.93 -25.53 -12.86
CA PHE A 118 -14.22 -25.94 -11.65
C PHE A 118 -13.59 -24.77 -10.84
N GLY A 119 -14.03 -23.53 -11.14
CA GLY A 119 -13.62 -22.34 -10.44
C GLY A 119 -12.46 -21.54 -10.99
N ALA A 120 -11.81 -20.80 -10.10
CA ALA A 120 -10.69 -19.95 -10.47
C ALA A 120 -9.39 -20.71 -10.63
N GLY A 121 -9.32 -21.50 -11.69
CA GLY A 121 -8.11 -22.28 -11.97
C GLY A 121 -7.59 -22.12 -13.38
N ILE A 122 -6.54 -22.90 -13.67
CA ILE A 122 -5.93 -23.00 -14.96
C ILE A 122 -6.30 -24.41 -15.43
N TYR A 123 -7.12 -24.46 -16.47
CA TYR A 123 -7.67 -25.67 -17.04
C TYR A 123 -6.76 -26.24 -18.08
N PHE A 124 -6.63 -27.56 -18.07
CA PHE A 124 -5.82 -28.31 -19.01
C PHE A 124 -6.59 -29.48 -19.47
N ALA A 125 -6.22 -30.06 -20.62
CA ALA A 125 -6.94 -31.23 -21.14
C ALA A 125 -6.00 -32.27 -21.77
N GLU A 126 -6.41 -33.53 -21.79
CA GLU A 126 -5.69 -34.62 -22.45
C GLU A 126 -6.02 -34.60 -23.94
N ASN A 127 -7.24 -34.19 -24.28
CA ASN A 127 -7.75 -34.04 -25.66
C ASN A 127 -7.47 -32.62 -26.17
N SER A 128 -6.53 -32.50 -27.14
CA SER A 128 -6.16 -31.20 -27.74
C SER A 128 -7.37 -30.45 -28.32
N SER A 129 -8.40 -31.16 -28.76
CA SER A 129 -9.64 -30.55 -29.24
C SER A 129 -10.39 -29.80 -28.14
N LYS A 130 -10.28 -30.22 -26.85
CA LYS A 130 -10.91 -29.50 -25.73
C LYS A 130 -10.18 -28.17 -25.55
N SER A 131 -8.83 -28.23 -25.44
CA SER A 131 -7.98 -27.04 -25.36
C SER A 131 -8.22 -26.16 -26.56
N ASN A 132 -8.43 -26.75 -27.76
CA ASN A 132 -8.75 -26.00 -28.96
C ASN A 132 -10.05 -25.20 -28.81
N GLN A 133 -11.05 -25.70 -28.02
CA GLN A 133 -12.28 -24.92 -27.80
C GLN A 133 -12.03 -23.59 -27.06
N TYR A 134 -10.88 -23.47 -26.39
CA TYR A 134 -10.56 -22.29 -25.58
C TYR A 134 -9.49 -21.35 -26.09
N VAL A 135 -8.94 -21.59 -27.29
CA VAL A 135 -7.91 -20.72 -27.87
C VAL A 135 -8.34 -19.30 -28.12
N TYR A 136 -9.63 -19.10 -28.43
CA TYR A 136 -10.23 -17.77 -28.66
C TYR A 136 -11.15 -17.31 -27.48
N GLY A 137 -11.27 -18.14 -26.46
CA GLY A 137 -12.05 -17.86 -25.27
C GLY A 137 -13.03 -18.96 -24.93
N ILE A 138 -13.80 -18.78 -23.83
CA ILE A 138 -14.87 -19.71 -23.42
C ILE A 138 -15.84 -19.82 -24.61
N GLY A 139 -16.15 -21.07 -24.99
CA GLY A 139 -17.01 -21.36 -26.13
C GLY A 139 -16.54 -20.67 -27.39
N GLY A 140 -15.21 -20.66 -27.59
CA GLY A 140 -14.53 -20.07 -28.73
C GLY A 140 -14.64 -18.57 -28.90
N GLY A 141 -15.24 -17.88 -27.92
CA GLY A 141 -15.45 -16.43 -27.97
C GLY A 141 -16.18 -16.03 -29.24
N THR A 142 -15.69 -14.97 -29.91
CA THR A 142 -16.23 -14.50 -31.20
C THR A 142 -15.74 -15.43 -32.31
N GLY A 143 -14.51 -15.92 -32.13
CA GLY A 143 -13.78 -16.77 -33.08
C GLY A 143 -12.41 -16.19 -33.33
N CYS A 144 -11.87 -16.36 -34.56
CA CYS A 144 -10.56 -15.83 -34.91
C CYS A 144 -10.62 -14.29 -34.99
N PRO A 145 -9.52 -13.53 -34.75
CA PRO A 145 -9.64 -12.06 -34.76
C PRO A 145 -10.05 -11.41 -36.08
N VAL A 146 -9.35 -11.70 -37.17
CA VAL A 146 -9.62 -11.04 -38.46
C VAL A 146 -10.81 -11.56 -39.31
N HIS A 147 -11.36 -12.75 -39.03
CA HIS A 147 -12.52 -13.26 -39.79
C HIS A 147 -13.76 -13.42 -38.92
N LYS A 148 -13.58 -13.54 -37.57
CA LYS A 148 -14.64 -13.73 -36.56
C LYS A 148 -15.38 -15.06 -36.74
N ASP A 149 -14.58 -16.10 -36.97
CA ASP A 149 -15.02 -17.46 -37.24
C ASP A 149 -14.40 -18.45 -36.24
N ARG A 150 -15.27 -19.15 -35.48
CA ARG A 150 -14.86 -20.15 -34.50
C ARG A 150 -14.29 -21.37 -35.22
N SER A 151 -14.83 -21.68 -36.41
CA SER A 151 -14.38 -22.80 -37.23
C SER A 151 -13.41 -22.36 -38.31
N CYS A 152 -12.70 -21.22 -38.09
CA CYS A 152 -11.75 -20.72 -39.06
C CYS A 152 -10.63 -21.69 -39.38
N TYR A 153 -10.41 -21.93 -40.68
CA TYR A 153 -9.36 -22.82 -41.21
C TYR A 153 -8.21 -22.01 -41.77
N ILE A 154 -8.38 -20.68 -41.86
CA ILE A 154 -7.37 -19.80 -42.40
C ILE A 154 -6.41 -19.28 -41.34
N CYS A 155 -6.92 -18.61 -40.30
CA CYS A 155 -6.11 -18.07 -39.21
C CYS A 155 -5.36 -19.17 -38.42
N HIS A 156 -4.10 -18.90 -38.05
CA HIS A 156 -3.26 -19.85 -37.32
C HIS A 156 -3.55 -19.78 -35.84
N ARG A 157 -3.82 -20.93 -35.23
CA ARG A 157 -4.07 -21.00 -33.81
C ARG A 157 -2.82 -21.48 -33.05
N GLN A 158 -2.81 -21.23 -31.73
CA GLN A 158 -1.73 -21.66 -30.87
C GLN A 158 -2.23 -22.34 -29.61
N LEU A 159 -1.70 -23.54 -29.35
CA LEU A 159 -1.96 -24.42 -28.22
C LEU A 159 -0.65 -24.63 -27.45
N LEU A 160 -0.73 -24.90 -26.17
CA LEU A 160 0.47 -25.24 -25.41
C LEU A 160 0.36 -26.67 -24.94
N PHE A 161 1.45 -27.43 -25.02
CA PHE A 161 1.50 -28.80 -24.52
C PHE A 161 2.39 -28.72 -23.29
N CYS A 162 1.75 -28.74 -22.13
CA CYS A 162 2.36 -28.50 -20.84
C CYS A 162 2.71 -29.66 -19.95
N ARG A 163 3.78 -29.43 -19.16
CA ARG A 163 4.18 -30.35 -18.11
C ARG A 163 3.31 -29.88 -16.92
N VAL A 164 2.39 -30.73 -16.45
CA VAL A 164 1.47 -30.34 -15.36
C VAL A 164 1.61 -31.19 -14.10
N THR A 165 1.99 -30.56 -12.96
CA THR A 165 2.03 -31.25 -11.67
C THR A 165 0.63 -31.23 -11.12
N LEU A 166 0.01 -32.43 -10.95
CA LEU A 166 -1.35 -32.57 -10.44
C LEU A 166 -1.34 -32.93 -8.98
N GLY A 167 -0.24 -33.54 -8.53
CA GLY A 167 -0.10 -34.01 -7.15
C GLY A 167 -1.28 -34.85 -6.74
N LYS A 168 -1.82 -34.56 -5.57
CA LYS A 168 -2.98 -35.28 -5.08
C LYS A 168 -4.18 -34.66 -5.77
N SER A 169 -4.62 -35.26 -6.87
CA SER A 169 -5.74 -34.70 -7.62
C SER A 169 -7.10 -35.09 -7.12
N PHE A 170 -7.93 -34.10 -6.88
CA PHE A 170 -9.28 -34.30 -6.40
C PHE A 170 -10.23 -34.59 -7.56
N LEU A 171 -10.93 -35.75 -7.48
CA LEU A 171 -11.88 -36.18 -8.51
C LEU A 171 -13.27 -35.64 -8.20
N GLN A 172 -13.70 -34.72 -9.05
CA GLN A 172 -14.96 -34.02 -8.99
C GLN A 172 -15.71 -34.39 -10.24
N PHE A 173 -16.95 -34.85 -10.08
CA PHE A 173 -17.75 -35.29 -11.21
C PHE A 173 -18.71 -34.23 -11.74
N SER A 174 -19.18 -33.36 -10.84
CA SER A 174 -20.08 -32.27 -11.19
C SER A 174 -19.33 -30.93 -11.18
N ALA A 175 -20.05 -29.81 -11.38
CA ALA A 175 -19.49 -28.46 -11.34
C ALA A 175 -19.27 -28.11 -9.88
N MET A 176 -18.13 -27.50 -9.58
CA MET A 176 -17.80 -27.07 -8.22
C MET A 176 -16.87 -25.87 -8.34
N LYS A 177 -17.43 -24.68 -8.08
CA LYS A 177 -16.68 -23.44 -8.17
C LYS A 177 -15.83 -23.23 -6.91
N MET A 178 -14.57 -23.66 -6.98
CA MET A 178 -13.59 -23.47 -5.91
C MET A 178 -12.49 -22.49 -6.30
N ALA A 179 -11.92 -21.81 -5.30
CA ALA A 179 -10.89 -20.79 -5.47
C ALA A 179 -9.50 -21.38 -5.40
N HIS A 180 -9.34 -22.44 -4.58
CA HIS A 180 -8.09 -23.15 -4.35
C HIS A 180 -8.35 -24.63 -4.39
N SER A 181 -7.29 -25.46 -4.54
CA SER A 181 -7.40 -26.93 -4.54
C SER A 181 -8.13 -27.37 -3.25
N PRO A 182 -8.84 -28.55 -3.23
CA PRO A 182 -9.50 -28.97 -1.99
C PRO A 182 -8.46 -29.29 -0.92
N PRO A 183 -8.81 -29.17 0.40
CA PRO A 183 -7.80 -29.44 1.44
C PRO A 183 -7.07 -30.75 1.21
N GLY A 184 -5.76 -30.71 1.31
CA GLY A 184 -4.90 -31.87 1.14
C GLY A 184 -4.65 -32.29 -0.31
N HIS A 185 -5.26 -31.54 -1.26
CA HIS A 185 -5.11 -31.81 -2.68
C HIS A 185 -4.28 -30.72 -3.38
N HIS A 186 -3.74 -31.00 -4.59
CA HIS A 186 -2.90 -30.11 -5.39
C HIS A 186 -3.52 -29.80 -6.76
N SER A 187 -4.70 -30.33 -7.03
CA SER A 187 -5.40 -30.09 -8.29
C SER A 187 -6.80 -30.69 -8.27
N VAL A 188 -7.52 -30.51 -9.38
CA VAL A 188 -8.85 -31.05 -9.54
C VAL A 188 -8.96 -31.74 -10.91
N THR A 189 -9.30 -33.05 -10.90
CA THR A 189 -9.58 -33.79 -12.14
C THR A 189 -11.10 -33.78 -12.31
N GLY A 190 -11.57 -33.05 -13.30
CA GLY A 190 -12.99 -32.99 -13.64
C GLY A 190 -13.32 -34.13 -14.57
N ARG A 191 -13.58 -35.33 -14.01
CA ARG A 191 -13.87 -36.60 -14.68
C ARG A 191 -15.17 -36.62 -15.53
N PRO A 192 -15.22 -37.46 -16.60
CA PRO A 192 -16.45 -37.51 -17.45
C PRO A 192 -17.75 -38.07 -16.82
N SER A 193 -18.84 -37.27 -16.90
CA SER A 193 -20.18 -37.55 -16.36
C SER A 193 -21.31 -37.31 -17.41
N VAL A 194 -22.44 -38.06 -17.28
CA VAL A 194 -23.58 -37.99 -18.20
C VAL A 194 -24.27 -36.63 -18.23
N ASN A 195 -24.81 -36.18 -17.09
CA ASN A 195 -25.50 -34.88 -17.00
C ASN A 195 -24.76 -33.94 -16.00
N GLY A 196 -23.64 -33.30 -16.40
CA GLY A 196 -23.01 -33.36 -17.71
C GLY A 196 -21.55 -32.93 -17.75
N LEU A 197 -20.65 -33.82 -18.26
CA LEU A 197 -19.20 -33.63 -18.42
C LEU A 197 -18.61 -34.63 -19.46
N ALA A 198 -18.46 -34.19 -20.73
CA ALA A 198 -18.00 -35.01 -21.86
C ALA A 198 -16.62 -35.70 -21.71
N LEU A 199 -15.58 -34.93 -21.33
CA LEU A 199 -14.18 -35.42 -21.18
C LEU A 199 -13.53 -34.84 -19.95
N ALA A 200 -12.40 -35.45 -19.58
CA ALA A 200 -11.57 -35.07 -18.44
C ALA A 200 -10.98 -33.67 -18.59
N GLU A 201 -10.91 -32.96 -17.48
CA GLU A 201 -10.24 -31.66 -17.46
C GLU A 201 -9.54 -31.46 -16.15
N TYR A 202 -8.25 -31.15 -16.24
CA TYR A 202 -7.34 -31.01 -15.12
C TYR A 202 -7.17 -29.55 -14.78
N VAL A 203 -7.40 -29.20 -13.52
CA VAL A 203 -7.40 -27.82 -13.03
C VAL A 203 -6.44 -27.68 -11.90
N ILE A 204 -5.50 -26.71 -12.05
CA ILE A 204 -4.52 -26.30 -11.04
C ILE A 204 -4.92 -24.89 -10.57
N TYR A 205 -4.67 -24.58 -9.30
CA TYR A 205 -4.99 -23.29 -8.72
C TYR A 205 -3.72 -22.49 -8.40
N ARG A 206 -2.56 -23.01 -8.89
CA ARG A 206 -1.27 -22.35 -8.77
C ARG A 206 -0.54 -22.46 -10.07
N GLY A 207 -0.24 -21.31 -10.67
CA GLY A 207 0.48 -21.23 -11.95
C GLY A 207 1.80 -21.95 -12.03
N GLU A 208 2.52 -22.02 -10.89
CA GLU A 208 3.83 -22.69 -10.84
C GLU A 208 3.81 -24.19 -11.00
N GLN A 209 2.60 -24.83 -11.00
CA GLN A 209 2.34 -26.26 -11.23
C GLN A 209 2.19 -26.66 -12.72
N ALA A 210 2.53 -25.78 -13.64
CA ALA A 210 2.50 -26.12 -15.06
C ALA A 210 3.58 -25.34 -15.75
N TYR A 211 4.25 -25.98 -16.70
CA TYR A 211 5.31 -25.37 -17.47
C TYR A 211 4.93 -25.38 -18.93
N PRO A 212 4.90 -24.21 -19.64
CA PRO A 212 4.48 -24.22 -21.06
C PRO A 212 5.55 -24.82 -21.96
N GLU A 213 5.79 -26.13 -21.88
CA GLU A 213 6.85 -26.88 -22.59
C GLU A 213 6.98 -26.68 -24.10
N TYR A 214 5.85 -26.82 -24.84
CA TYR A 214 5.77 -26.73 -26.29
C TYR A 214 4.69 -25.80 -26.73
N LEU A 215 5.04 -24.95 -27.69
CA LEU A 215 4.14 -23.99 -28.30
C LEU A 215 3.79 -24.52 -29.68
N ILE A 216 2.55 -25.02 -29.83
CA ILE A 216 2.07 -25.59 -31.08
C ILE A 216 1.33 -24.54 -31.88
N THR A 217 1.92 -24.09 -33.02
CA THR A 217 1.24 -23.21 -33.99
C THR A 217 0.60 -24.22 -34.96
N TYR A 218 -0.70 -24.07 -35.18
CA TYR A 218 -1.46 -25.03 -35.97
C TYR A 218 -2.71 -24.37 -36.57
N GLN A 219 -3.39 -25.11 -37.44
CA GLN A 219 -4.68 -24.76 -38.02
C GLN A 219 -5.54 -26.01 -37.98
N ILE A 220 -6.84 -25.83 -37.64
CA ILE A 220 -7.81 -26.93 -37.62
C ILE A 220 -8.11 -27.23 -39.09
N MET A 221 -8.26 -28.51 -39.47
CA MET A 221 -8.48 -28.81 -40.88
C MET A 221 -9.88 -29.24 -41.21
N ARG A 222 -10.41 -28.61 -42.26
CA ARG A 222 -11.72 -28.87 -42.83
C ARG A 222 -11.79 -30.33 -43.24
N PRO A 223 -12.86 -31.04 -42.80
CA PRO A 223 -12.98 -32.47 -43.14
C PRO A 223 -13.15 -32.73 -44.64
N PHE B 19 15.19 10.80 25.14
CA PHE B 19 15.07 11.12 26.57
C PHE B 19 15.07 12.63 26.96
N GLN B 20 15.20 12.88 28.26
CA GLN B 20 15.20 14.21 28.85
C GLN B 20 16.13 14.30 30.05
N GLY B 21 16.67 15.49 30.29
CA GLY B 21 17.54 15.74 31.41
C GLY B 21 17.40 17.16 31.91
N SER B 22 17.49 17.38 33.21
CA SER B 22 17.30 18.71 33.79
C SER B 22 18.55 19.53 33.61
N PRO B 23 18.42 20.74 32.91
CA PRO B 23 19.70 21.31 32.48
C PRO B 23 20.27 22.40 33.35
N ASP B 24 19.87 22.48 34.61
CA ASP B 24 20.15 23.63 35.45
C ASP B 24 21.48 24.39 35.23
N LYS B 26 22.92 27.86 33.79
CA LYS B 26 22.74 29.10 33.08
C LYS B 26 21.67 28.94 32.05
N GLU B 27 21.54 27.76 31.52
CA GLU B 27 20.65 27.56 30.40
C GLU B 27 19.21 27.33 30.81
N PHE B 28 18.98 26.95 32.05
CA PHE B 28 17.66 26.85 32.68
C PHE B 28 17.16 28.27 32.91
N GLN B 29 18.07 29.13 33.40
CA GLN B 29 17.87 30.53 33.75
C GLN B 29 17.46 31.33 32.55
N SER B 30 18.10 31.07 31.39
CA SER B 30 17.79 31.74 30.13
C SER B 30 16.39 31.34 29.61
N VAL B 31 15.99 30.07 29.84
CA VAL B 31 14.70 29.54 29.41
C VAL B 31 13.63 30.09 30.37
N GLU B 32 13.89 30.06 31.70
CA GLU B 32 13.01 30.61 32.73
C GLU B 32 12.83 32.11 32.52
N GLU B 33 13.86 32.82 32.07
CA GLU B 33 13.79 34.25 31.80
C GLU B 33 12.96 34.47 30.54
N GLU B 34 13.07 33.57 29.56
CA GLU B 34 12.36 33.72 28.30
C GLU B 34 10.89 33.51 28.54
N MET B 35 10.58 32.48 29.29
CA MET B 35 9.25 32.13 29.70
C MET B 35 8.59 33.28 30.48
N GLN B 36 9.28 33.86 31.48
CA GLN B 36 8.75 34.96 32.32
C GLN B 36 8.66 36.30 31.60
N SER B 37 9.77 36.78 31.06
CA SER B 37 9.91 38.08 30.38
C SER B 37 9.03 38.30 29.16
N THR B 38 8.59 37.21 28.47
CA THR B 38 7.77 37.28 27.27
C THR B 38 6.27 37.29 27.52
N VAL B 39 5.84 37.19 28.80
CA VAL B 39 4.42 37.28 29.18
C VAL B 39 3.88 38.64 28.69
N ARG B 40 2.67 38.62 28.13
CA ARG B 40 2.00 39.80 27.65
C ARG B 40 0.55 39.76 28.10
N GLU B 41 -0.07 40.94 28.18
CA GLU B 41 -1.49 41.07 28.47
C GLU B 41 -2.17 40.68 27.16
N HIS B 42 -3.22 39.89 27.23
CA HIS B 42 -3.89 39.44 26.02
C HIS B 42 -5.21 40.11 25.83
N ARG B 43 -5.50 40.42 24.55
CA ARG B 43 -6.74 41.03 24.10
C ARG B 43 -7.94 40.26 24.64
N ASP B 44 -7.85 38.91 24.69
CA ASP B 44 -8.91 37.99 25.19
C ASP B 44 -9.18 38.09 26.70
N GLY B 45 -8.58 39.09 27.36
CA GLY B 45 -8.69 39.34 28.79
C GLY B 45 -8.30 38.17 29.66
N GLY B 46 -7.50 37.28 29.09
CA GLY B 46 -7.05 36.04 29.74
C GLY B 46 -8.05 34.93 29.57
N HIS B 47 -8.96 35.06 28.59
CA HIS B 47 -9.99 34.06 28.35
C HIS B 47 -9.49 32.62 28.04
N ALA B 48 -8.50 32.46 27.13
CA ALA B 48 -8.00 31.14 26.75
C ALA B 48 -6.97 30.58 27.71
N GLY B 49 -6.02 31.42 28.12
CA GLY B 49 -4.92 30.97 28.94
C GLY B 49 -5.06 31.09 30.43
N GLY B 50 -5.85 32.07 30.86
CA GLY B 50 -6.05 32.38 32.26
C GLY B 50 -5.57 33.78 32.57
N ILE B 51 -5.70 34.17 33.83
CA ILE B 51 -5.28 35.46 34.37
C ILE B 51 -3.99 35.22 35.19
N PHE B 52 -2.89 35.91 34.84
CA PHE B 52 -1.60 35.75 35.49
C PHE B 52 -0.62 36.82 34.97
N ASN B 53 0.37 37.19 35.79
CA ASN B 53 1.37 38.15 35.32
C ASN B 53 2.73 37.41 35.22
N ARG B 54 2.82 36.23 35.85
CA ARG B 54 4.01 35.41 36.03
C ARG B 54 3.59 33.93 36.12
N TYR B 55 4.57 33.02 35.99
CA TYR B 55 4.35 31.59 36.11
C TYR B 55 5.12 31.07 37.27
N ASN B 56 4.78 29.84 37.69
CA ASN B 56 5.56 29.08 38.63
C ASN B 56 6.18 28.01 37.76
N ILE B 57 7.47 28.18 37.39
CA ILE B 57 8.16 27.15 36.60
C ILE B 57 8.55 26.01 37.55
N LEU B 58 8.04 24.78 37.30
CA LEU B 58 8.30 23.62 38.15
C LEU B 58 9.55 22.81 37.74
N LYS B 59 9.69 22.59 36.43
CA LYS B 59 10.71 21.77 35.81
C LYS B 59 10.96 22.36 34.39
N ILE B 60 12.19 22.21 33.91
CA ILE B 60 12.62 22.55 32.57
C ILE B 60 13.52 21.40 32.18
N GLN B 61 13.09 20.59 31.22
CA GLN B 61 13.86 19.44 30.80
C GLN B 61 14.32 19.60 29.36
N LYS B 62 15.62 19.41 29.15
CA LYS B 62 16.22 19.44 27.83
C LYS B 62 15.82 18.11 27.15
N VAL B 63 15.19 18.17 25.98
CA VAL B 63 14.81 16.98 25.23
C VAL B 63 16.00 16.59 24.35
N CYS B 64 16.34 15.29 24.34
CA CYS B 64 17.47 14.82 23.56
C CYS B 64 17.02 13.62 22.81
N ASN B 65 16.50 13.88 21.63
CA ASN B 65 16.00 12.85 20.73
C ASN B 65 16.82 12.93 19.45
N LYS B 66 17.83 12.04 19.33
CA LYS B 66 18.79 11.91 18.23
C LYS B 66 18.17 11.82 16.82
N LYS B 67 17.09 11.03 16.64
CA LYS B 67 16.38 10.91 15.36
C LYS B 67 15.83 12.30 14.95
N LEU B 68 15.20 13.00 15.90
CA LEU B 68 14.64 14.33 15.71
C LEU B 68 15.72 15.36 15.43
N TRP B 69 16.82 15.31 16.18
CA TRP B 69 17.94 16.22 15.98
C TRP B 69 18.57 16.06 14.61
N GLU B 70 18.70 14.82 14.14
CA GLU B 70 19.23 14.51 12.81
C GLU B 70 18.30 14.95 11.71
N ARG B 71 16.99 14.73 11.87
CA ARG B 71 15.94 15.16 10.94
C ARG B 71 15.92 16.69 10.86
N TYR B 72 16.05 17.35 12.01
CA TYR B 72 16.02 18.81 12.12
C TYR B 72 17.25 19.47 11.51
N THR B 73 18.47 18.94 11.77
CA THR B 73 19.72 19.49 11.27
C THR B 73 19.83 19.29 9.76
N HIS B 74 19.41 18.11 9.28
CA HIS B 74 19.42 17.81 7.85
C HIS B 74 18.67 18.88 7.10
N ARG B 75 17.44 19.15 7.56
CA ARG B 75 16.57 20.18 7.01
C ARG B 75 17.16 21.57 7.24
N ARG B 76 17.75 21.83 8.42
CA ARG B 76 18.30 23.16 8.71
C ARG B 76 19.33 23.59 7.67
N LYS B 77 20.17 22.61 7.22
CA LYS B 77 21.21 22.71 6.21
C LYS B 77 20.57 23.03 4.87
N GLU B 78 19.46 22.32 4.50
CA GLU B 78 18.72 22.47 3.25
C GLU B 78 18.20 23.90 3.09
N VAL B 79 17.51 24.40 4.12
CA VAL B 79 16.90 25.73 4.20
C VAL B 79 17.98 26.79 4.16
N SER B 80 19.08 26.61 4.92
CA SER B 80 20.21 27.52 4.93
C SER B 80 20.74 27.74 3.51
N GLU B 81 20.88 26.64 2.76
CA GLU B 81 21.41 26.64 1.40
C GLU B 81 20.46 27.27 0.45
N GLU B 82 19.13 27.07 0.66
CA GLU B 82 18.11 27.71 -0.18
C GLU B 82 17.88 29.17 0.27
N ASN B 83 18.51 29.61 1.36
CA ASN B 83 18.33 30.96 1.90
C ASN B 83 19.65 31.69 2.15
N HIS B 84 20.46 31.83 1.08
CA HIS B 84 21.76 32.49 1.08
C HIS B 84 22.60 32.26 2.35
N ASN B 85 22.62 31.00 2.83
CA ASN B 85 23.38 30.53 4.00
C ASN B 85 22.83 30.99 5.35
N HIS B 86 21.51 31.25 5.41
CA HIS B 86 20.82 31.67 6.62
C HIS B 86 19.72 30.70 6.88
N ALA B 87 19.78 30.05 8.04
CA ALA B 87 18.74 29.13 8.46
C ALA B 87 17.60 29.96 9.02
N ASN B 88 17.93 31.16 9.57
CA ASN B 88 17.03 32.09 10.25
C ASN B 88 16.38 31.31 11.38
N GLU B 89 17.22 30.83 12.27
CA GLU B 89 16.79 30.03 13.39
C GLU B 89 16.39 30.86 14.58
N ARG B 90 15.26 30.50 15.21
CA ARG B 90 14.77 31.24 16.38
C ARG B 90 14.30 30.28 17.45
N MET B 91 14.48 30.68 18.72
CA MET B 91 13.98 29.87 19.84
C MET B 91 12.58 30.39 20.04
N LEU B 92 11.58 29.53 19.84
CA LEU B 92 10.17 29.91 19.94
C LEU B 92 9.35 28.94 20.77
N PHE B 93 8.29 29.43 21.47
CA PHE B 93 7.41 28.59 22.27
C PHE B 93 6.36 27.87 21.41
N HIS B 94 5.89 26.72 21.89
CA HIS B 94 4.82 25.94 21.34
C HIS B 94 4.00 25.29 22.48
N GLY B 95 2.73 25.68 22.53
CA GLY B 95 1.74 25.13 23.42
C GLY B 95 0.79 24.32 22.57
N SER B 96 0.34 23.16 23.07
CA SER B 96 -0.55 22.24 22.35
C SER B 96 -0.88 21.16 23.33
N PRO B 97 -2.06 20.51 23.24
CA PRO B 97 -2.32 19.39 24.17
C PRO B 97 -1.41 18.19 23.92
N PHE B 98 -0.68 18.21 22.78
CA PHE B 98 0.16 17.10 22.28
C PHE B 98 1.65 17.12 22.52
N VAL B 99 2.11 17.95 23.44
CA VAL B 99 3.53 18.11 23.74
C VAL B 99 4.34 16.83 23.96
N ASN B 100 3.80 15.84 24.70
CA ASN B 100 4.51 14.58 24.92
C ASN B 100 4.64 13.70 23.67
N ALA B 101 3.63 13.70 22.76
CA ALA B 101 3.72 12.96 21.48
C ALA B 101 4.85 13.59 20.61
N ILE B 102 4.86 14.98 20.53
CA ILE B 102 5.84 15.79 19.80
C ILE B 102 7.24 15.46 20.32
N ILE B 103 7.41 15.40 21.66
CA ILE B 103 8.69 15.05 22.33
C ILE B 103 9.25 13.74 21.77
N HIS B 104 8.38 12.71 21.54
CA HIS B 104 8.79 11.40 21.03
C HIS B 104 8.83 11.25 19.51
N LYS B 105 7.80 11.74 18.82
CA LYS B 105 7.62 11.61 17.37
C LYS B 105 8.06 12.80 16.54
N GLY B 106 8.26 13.95 17.19
CA GLY B 106 8.57 15.22 16.55
C GLY B 106 7.32 15.96 16.10
N PHE B 107 7.46 17.20 15.61
CA PHE B 107 6.29 17.91 15.09
C PHE B 107 5.90 17.22 13.80
N ASP B 108 4.64 17.28 13.45
CA ASP B 108 4.11 16.64 12.28
C ASP B 108 3.05 17.52 11.69
N GLU B 109 3.32 18.03 10.49
CA GLU B 109 2.42 18.91 9.73
C GLU B 109 1.12 18.17 9.41
N ARG B 110 1.20 16.83 9.37
CA ARG B 110 0.12 15.91 9.09
C ARG B 110 -0.99 16.02 10.09
N HIS B 111 -0.68 16.48 11.33
CA HIS B 111 -1.65 16.67 12.42
C HIS B 111 -2.22 18.06 12.46
N ALA B 112 -1.67 18.98 11.64
CA ALA B 112 -2.15 20.36 11.50
C ALA B 112 -3.33 20.40 10.53
N TYR B 113 -4.43 21.05 10.93
CA TYR B 113 -5.58 21.14 10.04
C TYR B 113 -5.96 22.55 9.67
N ILE B 114 -6.23 22.79 8.33
CA ILE B 114 -6.58 24.11 7.76
C ILE B 114 -7.54 24.71 8.76
N GLY B 115 -7.13 25.88 9.20
CA GLY B 115 -7.77 26.73 10.19
C GLY B 115 -6.74 27.75 10.56
N GLY B 116 -6.92 28.40 11.70
CA GLY B 116 -6.00 29.45 12.13
C GLY B 116 -5.88 30.52 11.07
N MET B 117 -4.90 31.38 11.18
CA MET B 117 -4.80 32.41 10.17
C MET B 117 -4.06 31.96 8.97
N PHE B 118 -2.96 31.18 9.16
CA PHE B 118 -2.04 30.80 8.09
C PHE B 118 -2.11 29.35 7.54
N GLY B 119 -3.23 28.68 7.79
CA GLY B 119 -3.50 27.36 7.26
C GLY B 119 -2.97 26.20 8.08
N ALA B 120 -2.81 25.05 7.40
CA ALA B 120 -2.35 23.80 7.99
C ALA B 120 -0.84 23.71 8.24
N GLY B 121 -0.42 24.45 9.26
CA GLY B 121 0.97 24.48 9.71
C GLY B 121 1.06 24.30 11.21
N ILE B 122 2.30 24.34 11.71
CA ILE B 122 2.63 24.25 13.12
C ILE B 122 3.03 25.68 13.55
N TYR B 123 2.25 26.25 14.49
CA TYR B 123 2.37 27.58 15.01
C TYR B 123 3.21 27.64 16.27
N PHE B 124 4.08 28.66 16.32
CA PHE B 124 5.02 28.97 17.39
C PHE B 124 4.83 30.44 17.75
N ALA B 125 5.29 30.83 18.96
CA ALA B 125 5.14 32.22 19.38
C ALA B 125 6.42 32.71 20.03
N GLU B 126 6.62 34.03 20.03
CA GLU B 126 7.75 34.58 20.77
C GLU B 126 7.32 34.93 22.21
N ASN B 127 5.99 34.98 22.47
CA ASN B 127 5.44 35.25 23.79
C ASN B 127 4.91 33.94 24.38
N SER B 128 5.47 33.55 25.52
CA SER B 128 5.12 32.31 26.19
C SER B 128 3.64 32.29 26.54
N SER B 129 3.06 33.49 26.75
CA SER B 129 1.67 33.61 27.10
C SER B 129 0.73 33.34 25.91
N LYS B 130 1.19 33.59 24.67
CA LYS B 130 0.38 33.22 23.50
C LYS B 130 0.30 31.68 23.40
N SER B 131 1.45 30.99 23.60
CA SER B 131 1.56 29.53 23.58
C SER B 131 0.75 28.90 24.69
N ASN B 132 0.71 29.56 25.87
CA ASN B 132 -0.07 29.11 27.02
C ASN B 132 -1.61 29.12 26.74
N GLN B 133 -2.08 29.99 25.82
CA GLN B 133 -3.49 30.08 25.41
C GLN B 133 -3.88 28.80 24.68
N TYR B 134 -2.86 28.02 24.27
CA TYR B 134 -3.05 26.81 23.47
C TYR B 134 -2.80 25.49 24.14
N VAL B 135 -2.20 25.50 25.32
CA VAL B 135 -1.88 24.28 26.06
C VAL B 135 -3.02 23.28 26.23
N TYR B 136 -4.25 23.78 26.45
CA TYR B 136 -5.43 22.90 26.62
C TYR B 136 -6.33 22.80 25.36
N GLY B 137 -5.84 23.31 24.23
CA GLY B 137 -6.52 23.31 22.95
C GLY B 137 -6.70 24.71 22.38
N ILE B 138 -7.40 24.84 21.24
CA ILE B 138 -7.67 26.16 20.65
C ILE B 138 -8.58 26.92 21.61
N GLY B 139 -8.22 28.19 21.84
CA GLY B 139 -8.97 29.06 22.73
C GLY B 139 -9.01 28.53 24.15
N GLY B 140 -7.98 27.74 24.48
CA GLY B 140 -7.80 27.11 25.78
C GLY B 140 -8.61 25.86 26.02
N GLY B 141 -9.44 25.47 25.04
CA GLY B 141 -10.33 24.33 25.13
C GLY B 141 -11.33 24.48 26.27
N THR B 142 -11.47 23.40 27.06
CA THR B 142 -12.31 23.39 28.25
C THR B 142 -11.40 23.48 29.46
N GLY B 143 -10.17 23.97 29.25
CA GLY B 143 -9.15 24.15 30.28
C GLY B 143 -8.56 22.85 30.77
N CYS B 144 -8.03 22.84 32.01
CA CYS B 144 -7.43 21.65 32.64
C CYS B 144 -8.43 20.52 32.69
N PRO B 145 -7.99 19.23 32.69
CA PRO B 145 -8.96 18.14 32.67
C PRO B 145 -9.63 17.89 34.01
N VAL B 146 -8.97 18.25 35.11
CA VAL B 146 -9.48 18.04 36.46
C VAL B 146 -10.58 19.04 36.82
N HIS B 147 -10.28 20.34 36.73
CA HIS B 147 -11.20 21.42 37.13
C HIS B 147 -12.00 22.02 35.97
N LYS B 148 -11.71 21.64 34.70
CA LYS B 148 -12.32 22.23 33.50
C LYS B 148 -12.21 23.79 33.49
N ASP B 149 -11.15 24.30 34.16
CA ASP B 149 -10.78 25.70 34.33
C ASP B 149 -9.57 26.05 33.43
N ARG B 150 -9.78 27.04 32.52
CA ARG B 150 -8.78 27.59 31.61
C ARG B 150 -7.80 28.45 32.37
N SER B 151 -8.21 28.89 33.57
CA SER B 151 -7.36 29.69 34.45
C SER B 151 -6.95 28.89 35.69
N CYS B 152 -6.91 27.53 35.59
CA CYS B 152 -6.48 26.70 36.72
C CYS B 152 -5.07 27.05 37.20
N TYR B 153 -4.95 27.35 38.51
CA TYR B 153 -3.68 27.69 39.16
C TYR B 153 -3.07 26.49 39.83
N ILE B 154 -3.80 25.36 39.86
CA ILE B 154 -3.39 24.11 40.52
C ILE B 154 -2.73 23.09 39.58
N CYS B 155 -3.43 22.75 38.47
CA CYS B 155 -3.00 21.79 37.48
C CYS B 155 -1.78 22.28 36.76
N HIS B 156 -0.85 21.35 36.51
CA HIS B 156 0.45 21.59 35.89
C HIS B 156 0.34 21.67 34.41
N ARG B 157 0.79 22.79 33.82
CA ARG B 157 0.78 22.98 32.37
C ARG B 157 2.14 22.64 31.73
N GLN B 158 2.14 22.29 30.44
CA GLN B 158 3.37 21.99 29.73
C GLN B 158 3.45 22.74 28.41
N LEU B 159 4.61 23.29 28.15
CA LEU B 159 4.96 24.06 26.97
C LEU B 159 6.30 23.56 26.38
N LEU B 160 6.56 23.89 25.12
CA LEU B 160 7.81 23.56 24.49
C LEU B 160 8.52 24.85 24.10
N PHE B 161 9.82 24.95 24.38
CA PHE B 161 10.64 26.07 23.92
C PHE B 161 11.50 25.44 22.85
N CYS B 162 11.12 25.74 21.61
CA CYS B 162 11.63 25.08 20.44
C CYS B 162 12.65 25.82 19.67
N ARG B 163 13.50 25.05 18.98
CA ARG B 163 14.47 25.51 18.03
C ARG B 163 13.74 25.46 16.69
N VAL B 164 13.42 26.62 16.08
CA VAL B 164 12.62 26.67 14.84
C VAL B 164 13.42 27.29 13.72
N THR B 165 13.46 26.59 12.57
CA THR B 165 14.11 27.01 11.35
C THR B 165 13.04 27.69 10.53
N LEU B 166 13.22 29.01 10.36
CA LEU B 166 12.30 29.86 9.59
C LEU B 166 12.72 30.13 8.16
N GLY B 167 14.01 30.02 7.87
CA GLY B 167 14.57 30.35 6.57
C GLY B 167 14.08 31.68 6.06
N LYS B 168 13.66 31.72 4.80
CA LYS B 168 13.03 32.88 4.22
C LYS B 168 11.57 32.73 4.64
N SER B 169 11.14 33.63 5.51
CA SER B 169 9.83 33.66 6.11
C SER B 169 9.01 34.70 5.40
N PHE B 170 7.83 34.30 4.97
CA PHE B 170 6.86 35.11 4.25
C PHE B 170 6.04 35.88 5.23
N LEU B 171 6.25 37.19 5.27
CA LEU B 171 5.54 38.09 6.17
C LEU B 171 4.15 38.31 5.67
N GLN B 172 3.19 38.27 6.59
CA GLN B 172 1.77 38.43 6.34
C GLN B 172 1.16 39.18 7.49
N PHE B 173 0.18 40.02 7.21
CA PHE B 173 -0.42 40.81 8.27
C PHE B 173 -1.83 40.37 8.55
N SER B 174 -2.50 39.84 7.53
CA SER B 174 -3.85 39.35 7.64
C SER B 174 -3.89 37.85 7.34
N ALA B 175 -5.04 37.19 7.55
CA ALA B 175 -5.26 35.77 7.30
C ALA B 175 -4.95 35.39 5.85
N MET B 176 -4.25 34.27 5.70
CA MET B 176 -3.87 33.68 4.43
C MET B 176 -3.74 32.17 4.65
N LYS B 177 -4.85 31.42 4.45
CA LYS B 177 -4.86 29.96 4.63
C LYS B 177 -4.07 29.29 3.54
N MET B 178 -2.99 28.59 3.94
CA MET B 178 -2.10 27.88 3.04
C MET B 178 -1.89 26.47 3.50
N ALA B 179 -1.39 25.64 2.59
CA ALA B 179 -1.05 24.24 2.82
C ALA B 179 0.45 24.13 3.11
N HIS B 180 1.26 24.89 2.35
CA HIS B 180 2.72 24.88 2.35
C HIS B 180 3.25 26.31 2.43
N SER B 181 4.55 26.50 2.65
CA SER B 181 5.18 27.83 2.64
C SER B 181 5.02 28.39 1.21
N PRO B 182 4.84 29.72 1.00
CA PRO B 182 4.73 30.25 -0.39
C PRO B 182 6.00 29.96 -1.19
N PRO B 183 5.95 29.88 -2.55
CA PRO B 183 7.20 29.55 -3.29
C PRO B 183 8.44 30.31 -2.85
N GLY B 184 9.59 29.65 -2.85
CA GLY B 184 10.86 30.23 -2.40
C GLY B 184 10.97 30.54 -0.91
N HIS B 185 9.94 30.18 -0.11
CA HIS B 185 9.92 30.42 1.32
C HIS B 185 9.93 29.10 2.12
N HIS B 186 10.22 29.20 3.45
CA HIS B 186 10.36 28.09 4.37
C HIS B 186 9.43 28.17 5.55
N SER B 187 8.76 29.33 5.70
CA SER B 187 7.83 29.59 6.80
C SER B 187 7.01 30.84 6.53
N VAL B 188 6.09 31.18 7.46
CA VAL B 188 5.20 32.33 7.40
C VAL B 188 5.30 33.00 8.75
N THR B 189 5.42 34.33 8.77
CA THR B 189 5.43 35.12 10.00
C THR B 189 4.15 35.94 9.96
N GLY B 190 3.29 35.78 10.96
CA GLY B 190 2.08 36.59 11.11
C GLY B 190 2.51 37.82 11.89
N ARG B 191 2.80 38.95 11.20
CA ARG B 191 3.28 40.19 11.83
C ARG B 191 2.20 41.01 12.53
N PRO B 192 2.47 41.59 13.73
CA PRO B 192 1.45 42.42 14.40
C PRO B 192 1.09 43.69 13.60
N SER B 193 -0.21 44.06 13.58
CA SER B 193 -0.77 45.20 12.82
C SER B 193 -2.09 45.73 13.43
N VAL B 194 -2.38 47.06 13.29
CA VAL B 194 -3.62 47.70 13.75
C VAL B 194 -4.83 47.07 13.05
N ASN B 195 -5.88 46.72 13.82
CA ASN B 195 -7.10 46.03 13.35
C ASN B 195 -6.83 44.55 12.92
N GLY B 196 -5.60 44.07 13.15
CA GLY B 196 -5.12 42.72 12.86
C GLY B 196 -4.43 42.11 14.07
N LEU B 197 -3.34 41.34 13.85
CA LEU B 197 -2.55 40.64 14.88
C LEU B 197 -2.05 41.46 16.08
N ALA B 198 -2.27 40.93 17.30
CA ALA B 198 -1.85 41.55 18.55
C ALA B 198 -0.37 41.29 18.74
N LEU B 199 0.03 40.02 18.51
CA LEU B 199 1.39 39.52 18.65
C LEU B 199 1.82 38.69 17.43
N ALA B 200 3.15 38.51 17.26
CA ALA B 200 3.75 37.73 16.17
C ALA B 200 3.52 36.23 16.33
N GLU B 201 3.19 35.55 15.23
CA GLU B 201 3.13 34.08 15.23
C GLU B 201 3.96 33.58 14.08
N TYR B 202 4.60 32.41 14.28
CA TYR B 202 5.49 31.79 13.33
C TYR B 202 4.97 30.43 12.98
N VAL B 203 4.83 30.17 11.67
CA VAL B 203 4.21 28.97 11.09
C VAL B 203 5.15 28.16 10.19
N ILE B 204 5.36 26.88 10.53
CA ILE B 204 6.12 25.98 9.67
C ILE B 204 5.12 24.97 9.10
N TYR B 205 5.33 24.51 7.87
CA TYR B 205 4.44 23.56 7.20
C TYR B 205 5.11 22.20 6.99
N ARG B 206 6.25 21.98 7.67
CA ARG B 206 7.06 20.76 7.70
C ARG B 206 7.57 20.59 9.13
N GLY B 207 7.25 19.43 9.70
CA GLY B 207 7.59 19.06 11.07
C GLY B 207 9.06 19.08 11.41
N GLU B 208 9.90 18.74 10.46
CA GLU B 208 11.36 18.68 10.64
C GLU B 208 12.01 20.02 10.77
N GLN B 209 11.25 21.12 10.67
CA GLN B 209 11.76 22.49 10.79
C GLN B 209 11.77 23.05 12.19
N ALA B 210 11.40 22.26 13.18
CA ALA B 210 11.46 22.66 14.58
C ALA B 210 11.96 21.48 15.36
N TYR B 211 12.71 21.75 16.42
CA TYR B 211 13.22 20.74 17.31
C TYR B 211 12.66 21.11 18.69
N PRO B 212 11.92 20.17 19.34
CA PRO B 212 11.36 20.47 20.69
C PRO B 212 12.44 20.41 21.79
N GLU B 213 13.34 21.39 21.83
CA GLU B 213 14.48 21.42 22.77
C GLU B 213 14.15 21.38 24.25
N TYR B 214 13.12 22.15 24.71
CA TYR B 214 12.79 22.16 26.14
C TYR B 214 11.35 21.93 26.42
N LEU B 215 11.08 21.06 27.38
CA LEU B 215 9.74 20.78 27.85
C LEU B 215 9.68 21.52 29.18
N ILE B 216 8.79 22.54 29.26
CA ILE B 216 8.60 23.38 30.44
C ILE B 216 7.32 22.99 31.15
N THR B 217 7.46 22.47 32.37
CA THR B 217 6.36 22.08 33.26
C THR B 217 6.21 23.22 34.24
N TYR B 218 5.02 23.78 34.23
CA TYR B 218 4.76 24.99 34.99
C TYR B 218 3.29 25.08 35.43
N GLN B 219 2.96 26.18 36.09
CA GLN B 219 1.61 26.57 36.44
C GLN B 219 1.52 28.07 36.17
N ILE B 220 0.30 28.57 35.86
CA ILE B 220 0.13 30.02 35.79
C ILE B 220 -0.01 30.46 37.26
N MET B 221 0.58 31.59 37.66
CA MET B 221 0.48 32.04 39.06
C MET B 221 -0.54 33.11 39.24
N ARG B 222 -1.41 32.91 40.26
CA ARG B 222 -2.47 33.82 40.72
C ARG B 222 -1.87 35.19 41.04
N PRO B 223 -2.35 36.27 40.39
CA PRO B 223 -1.78 37.60 40.64
C PRO B 223 -2.01 38.14 42.06
N ASN C 16 11.45 -29.81 18.64
CA ASN C 16 10.25 -28.98 18.79
C ASN C 16 10.38 -27.60 18.08
N LEU C 17 9.22 -26.97 17.83
CA LEU C 17 9.09 -25.69 17.15
C LEU C 17 9.12 -24.52 18.14
N TYR C 18 8.50 -24.69 19.33
CA TYR C 18 8.36 -23.66 20.36
C TYR C 18 9.64 -23.41 21.07
N PHE C 19 10.07 -22.16 21.08
CA PHE C 19 11.29 -21.71 21.74
C PHE C 19 10.94 -20.50 22.61
N GLN C 20 10.61 -20.80 23.89
CA GLN C 20 10.24 -19.89 24.99
C GLN C 20 11.12 -18.61 25.07
N GLY C 21 10.46 -17.47 24.91
CA GLY C 21 11.11 -16.17 24.87
C GLY C 21 11.36 -15.52 26.21
N SER C 22 12.58 -14.94 26.35
CA SER C 22 13.02 -14.21 27.54
C SER C 22 12.26 -12.89 27.61
N PRO C 23 11.53 -12.60 28.71
CA PRO C 23 10.83 -11.30 28.80
C PRO C 23 11.77 -10.08 28.88
N ASP C 24 13.07 -10.33 29.11
CA ASP C 24 14.13 -9.32 29.19
C ASP C 24 14.67 -9.00 27.80
N ASP C 25 14.41 -9.89 26.80
CA ASP C 25 14.84 -9.74 25.41
C ASP C 25 14.02 -8.66 24.73
N LYS C 26 14.71 -7.75 24.01
CA LYS C 26 14.14 -6.62 23.27
C LYS C 26 13.15 -7.12 22.20
N GLU C 27 13.39 -8.34 21.68
CA GLU C 27 12.57 -9.01 20.68
C GLU C 27 11.18 -9.23 21.24
N PHE C 28 11.09 -9.77 22.46
CA PHE C 28 9.81 -10.05 23.04
CA PHE C 28 9.83 -10.07 23.20
C PHE C 28 9.12 -8.78 23.56
N GLN C 29 9.91 -7.77 23.93
CA GLN C 29 9.42 -6.47 24.34
C GLN C 29 8.70 -5.83 23.16
N SER C 30 9.30 -5.96 21.97
CA SER C 30 8.81 -5.45 20.69
C SER C 30 7.41 -6.02 20.39
N VAL C 31 7.26 -7.32 20.63
CA VAL C 31 6.05 -8.09 20.39
C VAL C 31 4.98 -7.70 21.39
N GLU C 32 5.32 -7.60 22.70
CA GLU C 32 4.35 -7.18 23.69
C GLU C 32 3.87 -5.76 23.38
N GLU C 33 4.79 -4.83 23.13
CA GLU C 33 4.43 -3.46 22.80
C GLU C 33 3.46 -3.40 21.62
N GLU C 34 3.70 -4.19 20.56
CA GLU C 34 2.83 -4.22 19.38
C GLU C 34 1.50 -4.82 19.67
N MET C 35 1.46 -5.80 20.57
CA MET C 35 0.23 -6.45 21.00
C MET C 35 -0.60 -5.43 21.75
N GLN C 36 -0.01 -4.79 22.78
CA GLN C 36 -0.65 -3.79 23.60
C GLN C 36 -0.99 -2.48 22.88
N SER C 37 -0.03 -1.89 22.17
CA SER C 37 -0.24 -0.59 21.54
C SER C 37 -1.30 -0.50 20.43
N THR C 38 -1.60 -1.65 19.77
CA THR C 38 -2.54 -1.75 18.65
C THR C 38 -4.00 -2.08 19.02
N VAL C 39 -4.31 -2.14 20.32
CA VAL C 39 -5.67 -2.37 20.81
C VAL C 39 -6.51 -1.13 20.42
N ARG C 40 -7.73 -1.34 19.93
CA ARG C 40 -8.64 -0.23 19.58
C ARG C 40 -10.01 -0.54 20.15
N GLU C 41 -10.91 0.45 20.13
CA GLU C 41 -12.26 0.24 20.62
C GLU C 41 -13.06 -0.40 19.50
N HIS C 42 -13.62 -1.58 19.74
CA HIS C 42 -14.37 -2.21 18.66
C HIS C 42 -15.79 -1.68 18.47
N ARG C 43 -16.16 -1.41 17.21
CA ARG C 43 -17.46 -0.89 16.82
C ARG C 43 -18.55 -1.73 17.49
N ASP C 44 -18.32 -3.06 17.61
CA ASP C 44 -19.24 -4.05 18.19
C ASP C 44 -19.39 -4.03 19.74
N GLY C 45 -18.76 -3.06 20.40
CA GLY C 45 -18.82 -2.90 21.85
C GLY C 45 -18.30 -4.09 22.64
N GLY C 46 -17.30 -4.75 22.05
CA GLY C 46 -16.64 -5.91 22.64
C GLY C 46 -17.43 -7.19 22.53
N HIS C 47 -18.44 -7.22 21.66
CA HIS C 47 -19.28 -8.40 21.51
C HIS C 47 -18.57 -9.66 21.03
N ALA C 48 -17.63 -9.53 20.10
CA ALA C 48 -16.92 -10.68 19.57
C ALA C 48 -15.71 -11.07 20.37
N GLY C 49 -14.96 -10.07 20.81
CA GLY C 49 -13.69 -10.32 21.48
C GLY C 49 -13.60 -10.11 22.96
N GLY C 50 -14.61 -9.46 23.53
CA GLY C 50 -14.71 -9.10 24.94
C GLY C 50 -14.48 -7.63 25.19
N ILE C 51 -14.62 -7.21 26.46
CA ILE C 51 -14.41 -5.82 26.86
C ILE C 51 -13.03 -5.77 27.52
N PHE C 52 -12.14 -4.89 27.02
CA PHE C 52 -10.77 -4.72 27.50
C PHE C 52 -10.12 -3.49 26.86
N ASN C 53 -9.02 -3.00 27.46
CA ASN C 53 -8.22 -1.88 26.94
C ASN C 53 -6.80 -2.38 26.71
N ARG C 54 -6.42 -3.41 27.47
CA ARG C 54 -5.11 -4.03 27.43
C ARG C 54 -5.28 -5.50 27.72
N TYR C 55 -4.19 -6.25 27.52
CA TYR C 55 -4.13 -7.67 27.81
C TYR C 55 -3.10 -7.91 28.87
N ASN C 56 -3.22 -9.06 29.53
CA ASN C 56 -2.17 -9.58 30.37
C ASN C 56 -1.40 -10.56 29.45
N ILE C 57 -0.21 -10.17 28.91
CA ILE C 57 0.61 -11.07 28.06
C ILE C 57 1.31 -12.06 29.01
N LEU C 58 1.04 -13.36 28.83
CA LEU C 58 1.58 -14.38 29.71
C LEU C 58 2.86 -15.08 29.19
N LYS C 59 2.90 -15.35 27.88
CA LYS C 59 3.98 -16.12 27.26
C LYS C 59 4.14 -15.71 25.80
N ILE C 60 5.39 -15.61 25.34
CA ILE C 60 5.69 -15.36 23.94
C ILE C 60 6.67 -16.42 23.51
N GLN C 61 6.18 -17.44 22.77
CA GLN C 61 7.01 -18.53 22.25
C GLN C 61 7.33 -18.25 20.81
N LYS C 62 8.62 -18.27 20.43
CA LYS C 62 9.00 -18.09 19.02
C LYS C 62 8.91 -19.45 18.34
N VAL C 63 8.24 -19.51 17.18
CA VAL C 63 8.05 -20.73 16.39
C VAL C 63 9.17 -20.92 15.41
N CYS C 64 9.81 -22.09 15.48
CA CYS C 64 10.89 -22.48 14.60
C CYS C 64 10.52 -23.77 13.89
N ASN C 65 10.06 -23.61 12.65
CA ASN C 65 9.62 -24.67 11.77
C ASN C 65 10.36 -24.50 10.48
N LYS C 66 11.36 -25.36 10.26
CA LYS C 66 12.23 -25.30 9.09
C LYS C 66 11.49 -25.32 7.74
N LYS C 67 10.59 -26.31 7.51
CA LYS C 67 9.78 -26.48 6.29
C LYS C 67 9.00 -25.21 5.94
N LEU C 68 8.20 -24.68 6.92
CA LEU C 68 7.39 -23.47 6.78
C LEU C 68 8.23 -22.28 6.45
N TRP C 69 9.38 -22.17 7.10
CA TRP C 69 10.31 -21.06 6.91
C TRP C 69 10.86 -20.99 5.49
N GLU C 70 11.28 -22.15 4.94
CA GLU C 70 11.83 -22.24 3.59
C GLU C 70 10.78 -21.95 2.52
N ARG C 71 9.61 -22.56 2.66
CA ARG C 71 8.43 -22.36 1.83
C ARG C 71 8.10 -20.86 1.83
N TYR C 72 8.24 -20.18 3.03
CA TYR C 72 8.00 -18.74 3.21
C TYR C 72 9.07 -17.86 2.52
N THR C 73 10.33 -18.14 2.79
CA THR C 73 11.41 -17.32 2.21
C THR C 73 11.49 -17.46 0.72
N HIS C 74 11.31 -18.70 0.22
CA HIS C 74 11.24 -19.00 -1.21
C HIS C 74 10.15 -18.15 -1.82
N ARG C 75 8.95 -18.15 -1.21
CA ARG C 75 7.87 -17.30 -1.71
C ARG C 75 8.21 -15.82 -1.57
N ARG C 76 8.85 -15.42 -0.43
CA ARG C 76 9.24 -14.02 -0.17
C ARG C 76 10.15 -13.53 -1.26
N LYS C 77 11.17 -14.33 -1.65
CA LYS C 77 12.07 -13.95 -2.76
C LYS C 77 11.31 -13.85 -4.08
N GLU C 78 10.41 -14.82 -4.37
CA GLU C 78 9.60 -14.78 -5.61
C GLU C 78 8.85 -13.44 -5.74
N VAL C 79 8.02 -13.09 -4.72
CA VAL C 79 7.24 -11.83 -4.62
C VAL C 79 8.12 -10.56 -4.82
N SER C 80 9.35 -10.52 -4.24
CA SER C 80 10.25 -9.40 -4.39
C SER C 80 10.52 -9.08 -5.86
N GLU C 81 10.87 -10.12 -6.65
CA GLU C 81 11.22 -10.05 -8.07
C GLU C 81 10.04 -9.65 -8.92
N GLU C 82 8.85 -9.99 -8.47
CA GLU C 82 7.58 -9.58 -9.08
C GLU C 82 7.22 -8.14 -8.58
N ASN C 83 8.00 -7.56 -7.65
CA ASN C 83 7.68 -6.27 -7.08
C ASN C 83 8.91 -5.38 -6.82
N HIS C 84 9.72 -5.14 -7.87
CA HIS C 84 10.88 -4.24 -7.85
C HIS C 84 11.82 -4.40 -6.69
N ASN C 85 12.05 -5.65 -6.23
CA ASN C 85 12.97 -6.01 -5.15
C ASN C 85 12.49 -5.81 -3.71
N HIS C 86 11.23 -5.37 -3.54
CA HIS C 86 10.67 -5.24 -2.21
C HIS C 86 9.52 -6.22 -1.97
N ALA C 87 9.73 -7.09 -0.97
CA ALA C 87 8.83 -8.15 -0.52
C ALA C 87 7.60 -7.58 0.16
N ASN C 88 7.76 -6.39 0.76
CA ASN C 88 6.74 -5.68 1.53
C ASN C 88 6.25 -6.62 2.64
N GLU C 89 7.19 -7.10 3.43
CA GLU C 89 6.95 -7.91 4.59
C GLU C 89 6.49 -7.03 5.78
N ARG C 90 5.45 -7.47 6.50
CA ARG C 90 4.89 -6.82 7.68
C ARG C 90 4.71 -7.86 8.77
N MET C 91 4.77 -7.43 10.02
CA MET C 91 4.50 -8.30 11.17
C MET C 91 3.03 -8.08 11.44
N LEU C 92 2.21 -9.11 11.23
CA LEU C 92 0.79 -8.97 11.44
C LEU C 92 0.22 -10.03 12.32
N PHE C 93 -0.92 -9.72 12.95
CA PHE C 93 -1.64 -10.61 13.85
C PHE C 93 -2.60 -11.49 13.12
N HIS C 94 -2.82 -12.68 13.67
CA HIS C 94 -3.75 -13.70 13.22
C HIS C 94 -4.38 -14.38 14.45
N GLY C 95 -5.71 -14.32 14.50
CA GLY C 95 -6.51 -14.96 15.51
C GLY C 95 -7.33 -16.03 14.83
N SER C 96 -7.25 -17.27 15.31
CA SER C 96 -8.00 -18.40 14.77
C SER C 96 -8.12 -19.53 15.79
N PRO C 97 -9.22 -20.33 15.83
CA PRO C 97 -9.22 -21.51 16.73
C PRO C 97 -8.11 -22.51 16.35
N PHE C 98 -7.78 -22.60 15.04
CA PHE C 98 -6.81 -23.51 14.40
C PHE C 98 -5.33 -23.13 14.53
N VAL C 99 -5.02 -22.31 15.53
CA VAL C 99 -3.69 -21.79 15.81
C VAL C 99 -2.59 -22.83 15.84
N ASN C 100 -2.79 -23.96 16.55
CA ASN C 100 -1.78 -25.02 16.65
C ASN C 100 -1.58 -25.79 15.36
N ALA C 101 -2.62 -25.93 14.52
CA ALA C 101 -2.52 -26.57 13.21
C ALA C 101 -1.69 -25.65 12.29
N ILE C 102 -1.88 -24.33 12.42
CA ILE C 102 -1.14 -23.33 11.67
C ILE C 102 0.34 -23.47 12.01
N ILE C 103 0.65 -23.61 13.33
CA ILE C 103 2.04 -23.74 13.84
C ILE C 103 2.78 -24.95 13.22
N HIS C 104 2.08 -26.08 13.07
CA HIS C 104 2.64 -27.31 12.55
C HIS C 104 2.65 -27.40 11.02
N LYS C 105 1.47 -27.25 10.42
CA LYS C 105 1.17 -27.38 9.00
C LYS C 105 1.19 -26.09 8.15
N GLY C 106 1.41 -24.94 8.79
CA GLY C 106 1.44 -23.65 8.10
C GLY C 106 0.09 -23.11 7.71
N PHE C 107 0.05 -21.88 7.19
CA PHE C 107 -1.20 -21.30 6.70
C PHE C 107 -1.56 -22.04 5.40
N ASP C 108 -2.85 -22.23 5.13
CA ASP C 108 -3.25 -23.01 3.97
C ASP C 108 -4.49 -22.41 3.34
N GLU C 109 -4.34 -21.81 2.16
CA GLU C 109 -5.43 -21.18 1.41
C GLU C 109 -6.55 -22.19 1.06
N ARG C 110 -6.22 -23.51 1.04
CA ARG C 110 -7.15 -24.60 0.77
C ARG C 110 -8.21 -24.70 1.88
N HIS C 111 -7.90 -24.19 3.09
CA HIS C 111 -8.76 -24.13 4.26
C HIS C 111 -9.51 -22.80 4.35
N ALA C 112 -9.34 -21.94 3.32
CA ALA C 112 -10.02 -20.65 3.17
C ALA C 112 -11.06 -20.78 2.06
N TYR C 113 -12.32 -20.56 2.39
CA TYR C 113 -13.35 -20.67 1.35
C TYR C 113 -13.92 -19.31 1.00
N ILE C 114 -14.38 -19.16 -0.26
CA ILE C 114 -14.96 -17.90 -0.76
C ILE C 114 -16.06 -17.42 0.15
N GLY C 115 -15.92 -16.17 0.55
CA GLY C 115 -16.78 -15.51 1.52
C GLY C 115 -15.90 -14.64 2.39
N GLY C 116 -16.49 -13.69 3.10
CA GLY C 116 -15.72 -12.75 3.90
C GLY C 116 -15.40 -11.56 3.02
N MET C 117 -15.10 -10.41 3.64
CA MET C 117 -14.79 -9.16 2.94
C MET C 117 -14.09 -9.31 1.57
N PHE C 118 -12.94 -10.03 1.53
CA PHE C 118 -12.12 -10.12 0.32
C PHE C 118 -11.94 -11.49 -0.31
N GLY C 119 -12.91 -12.37 -0.10
CA GLY C 119 -12.90 -13.69 -0.66
C GLY C 119 -12.09 -14.73 0.09
N ALA C 120 -11.64 -15.73 -0.66
CA ALA C 120 -10.94 -16.93 -0.22
C ALA C 120 -9.49 -16.76 0.09
N GLY C 121 -9.19 -15.93 1.08
CA GLY C 121 -7.81 -15.76 1.52
C GLY C 121 -7.68 -15.96 3.00
N ILE C 122 -6.43 -15.79 3.50
CA ILE C 122 -6.04 -15.82 4.92
C ILE C 122 -5.94 -14.36 5.42
N TYR C 123 -6.75 -14.02 6.44
CA TYR C 123 -6.85 -12.69 6.98
C TYR C 123 -5.94 -12.43 8.19
N PHE C 124 -5.25 -11.27 8.16
CA PHE C 124 -4.39 -10.75 9.23
C PHE C 124 -4.88 -9.35 9.57
N ALA C 125 -4.49 -8.85 10.75
CA ALA C 125 -4.83 -7.50 11.19
C ALA C 125 -3.56 -6.86 11.78
N GLU C 126 -3.51 -5.51 11.79
CA GLU C 126 -2.40 -4.84 12.41
C GLU C 126 -2.82 -4.44 13.80
N ASN C 127 -4.12 -4.58 14.10
CA ASN C 127 -4.68 -4.31 15.42
C ASN C 127 -4.95 -5.64 16.04
N SER C 128 -4.20 -5.99 17.10
CA SER C 128 -4.37 -7.27 17.79
C SER C 128 -5.78 -7.47 18.34
N SER C 129 -6.42 -6.37 18.80
CA SER C 129 -7.80 -6.44 19.29
C SER C 129 -8.79 -6.91 18.17
N LYS C 130 -8.45 -6.67 16.85
CA LYS C 130 -9.23 -7.18 15.70
C LYS C 130 -9.05 -8.70 15.59
N SER C 131 -7.77 -9.21 15.64
CA SER C 131 -7.43 -10.65 15.62
C SER C 131 -7.98 -11.37 16.83
N ASN C 132 -8.09 -10.66 17.97
CA ASN C 132 -8.66 -11.17 19.21
C ASN C 132 -10.14 -11.63 19.02
N GLN C 133 -10.90 -10.98 18.13
CA GLN C 133 -12.30 -11.28 17.82
C GLN C 133 -12.47 -12.57 17.06
N TYR C 134 -11.35 -13.26 16.72
CA TYR C 134 -11.38 -14.49 15.93
C TYR C 134 -10.74 -15.69 16.59
N VAL C 135 -10.15 -15.58 17.82
CA VAL C 135 -9.51 -16.74 18.46
C VAL C 135 -10.47 -17.86 18.82
N TYR C 136 -11.75 -17.52 19.06
CA TYR C 136 -12.81 -18.49 19.38
C TYR C 136 -13.80 -18.65 18.18
N GLY C 137 -13.34 -18.32 16.95
CA GLY C 137 -14.13 -18.42 15.71
C GLY C 137 -14.68 -17.10 15.19
N ILE C 138 -15.45 -17.14 14.09
CA ILE C 138 -16.08 -15.93 13.51
C ILE C 138 -16.99 -15.30 14.58
N GLY C 139 -16.76 -14.01 14.84
CA GLY C 139 -17.49 -13.22 15.84
C GLY C 139 -17.35 -13.71 17.26
N GLY C 140 -16.27 -14.45 17.54
CA GLY C 140 -15.96 -15.01 18.85
C GLY C 140 -16.64 -16.33 19.16
N GLY C 141 -17.44 -16.85 18.24
CA GLY C 141 -18.22 -18.08 18.37
C GLY C 141 -19.06 -18.13 19.63
N THR C 142 -18.90 -19.22 20.43
CA THR C 142 -19.59 -19.41 21.71
C THR C 142 -18.71 -18.87 22.87
N GLY C 143 -17.51 -18.40 22.52
CA GLY C 143 -16.56 -17.86 23.49
C GLY C 143 -15.60 -18.94 23.93
N CYS C 144 -15.04 -18.79 25.13
CA CYS C 144 -14.06 -19.73 25.67
C CYS C 144 -14.64 -21.13 25.89
N PRO C 145 -13.87 -22.23 25.69
CA PRO C 145 -14.47 -23.58 25.87
C PRO C 145 -15.17 -23.91 27.19
N VAL C 146 -14.55 -23.55 28.34
CA VAL C 146 -15.11 -23.84 29.68
C VAL C 146 -16.30 -22.99 30.04
N HIS C 147 -16.10 -21.67 30.17
CA HIS C 147 -17.12 -20.72 30.60
C HIS C 147 -18.11 -20.30 29.53
N LYS C 148 -17.80 -20.57 28.25
CA LYS C 148 -18.63 -20.18 27.08
C LYS C 148 -18.88 -18.65 27.12
N ASP C 149 -17.78 -17.89 27.35
CA ASP C 149 -17.73 -16.42 27.48
C ASP C 149 -16.74 -15.78 26.47
N ARG C 150 -17.28 -14.93 25.59
CA ARG C 150 -16.53 -14.20 24.58
C ARG C 150 -15.69 -13.13 25.25
N SER C 151 -16.11 -12.71 26.47
CA SER C 151 -15.40 -11.73 27.28
C SER C 151 -14.67 -12.39 28.47
N CYS C 152 -14.33 -13.68 28.38
CA CYS C 152 -13.66 -14.34 29.48
C CYS C 152 -12.31 -13.71 29.77
N TYR C 153 -12.12 -13.32 31.04
CA TYR C 153 -10.90 -12.70 31.53
C TYR C 153 -10.05 -13.77 32.22
N ILE C 154 -10.62 -14.97 32.38
CA ILE C 154 -9.98 -16.08 33.09
C ILE C 154 -9.16 -16.99 32.18
N CYS C 155 -9.77 -17.40 31.05
CA CYS C 155 -9.14 -18.30 30.07
C CYS C 155 -7.97 -17.71 29.33
N HIS C 156 -6.99 -18.58 29.04
CA HIS C 156 -5.77 -18.21 28.36
C HIS C 156 -5.95 -18.35 26.86
N ARG C 157 -5.91 -17.19 26.19
CA ARG C 157 -6.11 -17.02 24.75
C ARG C 157 -4.80 -17.14 23.96
N GLN C 158 -4.87 -17.59 22.70
CA GLN C 158 -3.65 -17.61 21.85
C GLN C 158 -3.87 -16.81 20.57
N LEU C 159 -2.89 -16.02 20.19
CA LEU C 159 -2.92 -15.22 18.97
C LEU C 159 -1.55 -15.47 18.26
N LEU C 160 -1.50 -15.33 16.95
CA LEU C 160 -0.24 -15.47 16.21
C LEU C 160 0.15 -14.11 15.75
N PHE C 161 1.46 -13.76 15.85
CA PHE C 161 2.05 -12.51 15.34
C PHE C 161 2.98 -13.03 14.26
N CYS C 162 2.56 -12.79 13.02
CA CYS C 162 3.11 -13.38 11.83
C CYS C 162 3.93 -12.52 10.94
N ARG C 163 4.93 -13.15 10.30
CA ARG C 163 5.69 -12.56 9.21
C ARG C 163 4.81 -12.70 7.94
N VAL C 164 4.26 -11.59 7.39
CA VAL C 164 3.37 -11.64 6.21
C VAL C 164 3.96 -10.85 5.03
N THR C 165 4.12 -11.52 3.85
CA THR C 165 4.63 -10.94 2.60
C THR C 165 3.44 -10.35 1.87
N LEU C 166 3.43 -9.03 1.76
CA LEU C 166 2.33 -8.33 1.11
C LEU C 166 2.56 -8.03 -0.35
N GLY C 167 3.81 -7.81 -0.75
CA GLY C 167 4.18 -7.44 -2.13
C GLY C 167 3.41 -6.24 -2.59
N LYS C 168 2.94 -6.24 -3.84
CA LYS C 168 2.12 -5.14 -4.31
C LYS C 168 0.75 -5.46 -3.79
N SER C 169 0.37 -4.80 -2.70
CA SER C 169 -0.93 -5.00 -2.07
C SER C 169 -1.97 -4.10 -2.71
N PHE C 170 -3.17 -4.65 -2.90
CA PHE C 170 -4.28 -4.00 -3.54
C PHE C 170 -5.15 -3.34 -2.52
N LEU C 171 -5.17 -2.00 -2.50
CA LEU C 171 -5.97 -1.24 -1.54
C LEU C 171 -7.42 -1.30 -1.97
N GLN C 172 -8.32 -1.64 -1.03
CA GLN C 172 -9.71 -1.79 -1.31
C GLN C 172 -10.55 -1.37 -0.10
N PHE C 173 -11.79 -0.88 -0.34
CA PHE C 173 -12.73 -0.46 0.68
C PHE C 173 -13.85 -1.47 0.86
N SER C 174 -14.58 -1.67 -0.22
CA SER C 174 -15.75 -2.54 -0.30
C SER C 174 -15.40 -4.00 -0.63
N ALA C 175 -16.30 -4.92 -0.24
CA ALA C 175 -16.18 -6.34 -0.51
C ALA C 175 -15.83 -6.61 -1.96
N MET C 176 -14.81 -7.43 -2.13
CA MET C 176 -14.27 -7.79 -3.40
C MET C 176 -13.93 -9.28 -3.26
N LYS C 177 -14.92 -10.16 -3.51
CA LYS C 177 -14.66 -11.59 -3.35
C LYS C 177 -13.69 -12.19 -4.38
N MET C 178 -12.42 -12.24 -3.97
CA MET C 178 -11.31 -12.73 -4.76
C MET C 178 -11.17 -14.17 -4.47
N ALA C 179 -10.56 -14.85 -5.42
CA ALA C 179 -10.17 -16.24 -5.24
C ALA C 179 -8.64 -16.22 -5.05
N HIS C 180 -7.96 -15.27 -5.70
CA HIS C 180 -6.52 -15.07 -5.70
C HIS C 180 -6.22 -13.58 -5.63
N SER C 181 -4.94 -13.18 -5.49
CA SER C 181 -4.59 -11.77 -5.46
C SER C 181 -5.01 -11.15 -6.81
N PRO C 182 -5.51 -9.88 -6.85
CA PRO C 182 -5.83 -9.28 -8.14
C PRO C 182 -4.63 -9.30 -9.08
N PRO C 183 -4.80 -9.38 -10.44
CA PRO C 183 -3.63 -9.40 -11.34
C PRO C 183 -2.54 -8.36 -11.04
N GLY C 184 -1.28 -8.77 -11.11
CA GLY C 184 -0.12 -7.94 -10.79
C GLY C 184 0.10 -7.72 -9.31
N HIS C 185 -0.83 -8.22 -8.47
CA HIS C 185 -0.75 -8.02 -7.02
C HIS C 185 -0.42 -9.29 -6.29
N HIS C 186 -0.10 -9.18 -4.98
CA HIS C 186 0.34 -10.27 -4.11
C HIS C 186 -0.48 -10.36 -2.84
N SER C 187 -1.43 -9.43 -2.67
CA SER C 187 -2.28 -9.41 -1.50
C SER C 187 -3.33 -8.34 -1.63
N VAL C 188 -4.31 -8.35 -0.72
CA VAL C 188 -5.37 -7.36 -0.60
C VAL C 188 -5.29 -6.65 0.74
N THR C 189 -5.29 -5.31 0.72
CA THR C 189 -5.31 -4.52 1.95
C THR C 189 -6.66 -3.90 2.03
N GLY C 190 -7.45 -4.35 2.99
CA GLY C 190 -8.76 -3.78 3.27
C GLY C 190 -8.54 -2.51 4.06
N ARG C 191 -9.05 -1.38 3.55
CA ARG C 191 -8.84 -0.09 4.20
C ARG C 191 -10.11 0.49 4.83
N PRO C 192 -10.00 1.16 5.99
CA PRO C 192 -11.20 1.71 6.64
C PRO C 192 -11.95 2.73 5.83
N SER C 193 -13.25 2.82 6.07
CA SER C 193 -14.23 3.77 5.48
C SER C 193 -15.47 3.84 6.37
N VAL C 194 -16.14 5.02 6.37
CA VAL C 194 -17.34 5.33 7.16
C VAL C 194 -18.42 4.24 6.95
N ASN C 195 -18.59 3.80 5.69
CA ASN C 195 -19.56 2.78 5.30
C ASN C 195 -18.98 1.38 5.01
N GLY C 196 -17.73 1.14 5.44
CA GLY C 196 -17.03 -0.13 5.29
C GLY C 196 -16.37 -0.56 6.58
N LEU C 197 -15.08 -0.99 6.51
CA LEU C 197 -14.24 -1.47 7.61
C LEU C 197 -13.94 -0.40 8.65
N ALA C 198 -13.83 -0.79 9.92
CA ALA C 198 -13.49 0.14 11.00
C ALA C 198 -11.96 0.25 11.11
N LEU C 199 -11.28 -0.88 10.83
CA LEU C 199 -9.82 -1.03 10.89
C LEU C 199 -9.31 -1.76 9.64
N ALA C 200 -8.00 -1.64 9.34
CA ALA C 200 -7.45 -2.34 8.20
C ALA C 200 -7.36 -3.83 8.45
N GLU C 201 -7.35 -4.60 7.38
CA GLU C 201 -7.15 -6.04 7.35
C GLU C 201 -6.40 -6.37 6.10
N TYR C 202 -5.51 -7.36 6.16
CA TYR C 202 -4.62 -7.77 5.08
C TYR C 202 -4.89 -9.19 4.72
N VAL C 203 -5.03 -9.45 3.43
CA VAL C 203 -5.41 -10.77 2.92
C VAL C 203 -4.36 -11.31 1.94
N ILE C 204 -3.96 -12.58 2.13
CA ILE C 204 -3.01 -13.29 1.24
C ILE C 204 -3.80 -14.43 0.69
N TYR C 205 -3.43 -14.97 -0.45
CA TYR C 205 -4.23 -16.00 -1.06
C TYR C 205 -3.38 -17.26 -1.36
N ARG C 206 -2.21 -17.30 -0.74
CA ARG C 206 -1.24 -18.36 -0.75
C ARG C 206 -0.76 -18.49 0.68
N GLY C 207 -0.96 -19.67 1.24
CA GLY C 207 -0.58 -19.99 2.62
C GLY C 207 0.89 -19.80 2.96
N GLU C 208 1.75 -19.95 1.96
CA GLU C 208 3.17 -19.81 2.13
C GLU C 208 3.64 -18.35 2.18
N GLN C 209 2.74 -17.39 2.07
CA GLN C 209 3.06 -15.98 2.13
C GLN C 209 3.00 -15.37 3.55
N ALA C 210 2.86 -16.22 4.59
CA ALA C 210 2.87 -15.81 6.00
C ALA C 210 3.62 -16.84 6.75
N TYR C 211 4.33 -16.41 7.79
CA TYR C 211 5.09 -17.30 8.66
C TYR C 211 4.58 -17.09 10.10
N PRO C 212 4.01 -18.13 10.76
CA PRO C 212 3.50 -17.96 12.13
C PRO C 212 4.67 -17.86 13.12
N GLU C 213 5.34 -16.69 13.12
CA GLU C 213 6.55 -16.44 13.89
C GLU C 213 6.41 -16.54 15.43
N TYR C 214 5.35 -15.93 15.99
CA TYR C 214 5.19 -15.94 17.44
C TYR C 214 3.83 -16.43 17.86
N LEU C 215 3.82 -17.24 18.90
CA LEU C 215 2.60 -17.68 19.55
C LEU C 215 2.51 -16.87 20.87
N ILE C 216 1.42 -16.14 21.03
CA ILE C 216 1.23 -15.28 22.19
C ILE C 216 0.11 -15.80 23.03
N THR C 217 0.45 -16.29 24.23
CA THR C 217 -0.54 -16.71 25.20
C THR C 217 -0.80 -15.46 26.01
N TYR C 218 -2.08 -15.13 26.17
CA TYR C 218 -2.50 -13.90 26.85
C TYR C 218 -3.90 -14.00 27.40
N GLN C 219 -4.28 -12.98 28.18
CA GLN C 219 -5.63 -12.83 28.67
C GLN C 219 -6.10 -11.41 28.39
N ILE C 220 -7.40 -11.24 28.06
CA ILE C 220 -7.94 -9.89 27.98
C ILE C 220 -8.18 -9.48 29.45
N MET C 221 -7.85 -8.24 29.78
CA MET C 221 -7.98 -7.75 31.15
C MET C 221 -9.24 -6.90 31.37
N ARG C 222 -9.91 -7.06 32.56
CA ARG C 222 -11.07 -6.28 32.97
C ARG C 222 -10.66 -4.81 33.02
N PRO C 223 -11.35 -3.90 32.26
CA PRO C 223 -10.91 -2.49 32.22
C PRO C 223 -10.63 -1.80 33.55
N PHE D 28 15.55 2.13 -23.27
CA PHE D 28 14.37 2.98 -23.08
C PHE D 28 13.08 2.38 -23.67
N GLN D 29 13.13 1.14 -24.25
CA GLN D 29 11.94 0.48 -24.82
C GLN D 29 10.86 0.17 -23.79
N SER D 30 11.24 0.03 -22.51
CA SER D 30 10.31 -0.20 -21.40
C SER D 30 9.47 1.06 -21.10
N VAL D 31 10.09 2.27 -21.24
CA VAL D 31 9.41 3.55 -21.00
C VAL D 31 8.34 3.78 -22.08
N GLU D 32 8.75 3.61 -23.37
CA GLU D 32 7.90 3.71 -24.57
C GLU D 32 6.74 2.71 -24.45
N GLU D 33 7.03 1.43 -24.05
CA GLU D 33 6.01 0.40 -23.82
C GLU D 33 5.13 0.78 -22.65
N GLU D 34 5.71 1.33 -21.55
CA GLU D 34 4.94 1.81 -20.39
C GLU D 34 4.04 2.96 -20.79
N MET D 35 4.57 3.87 -21.61
CA MET D 35 3.85 5.01 -22.18
C MET D 35 2.65 4.53 -23.01
N GLN D 36 2.87 3.59 -23.97
CA GLN D 36 1.83 3.06 -24.86
C GLN D 36 0.84 2.13 -24.19
N SER D 37 1.32 1.17 -23.36
CA SER D 37 0.50 0.16 -22.66
C SER D 37 -0.56 0.73 -21.74
N THR D 38 -0.25 1.83 -21.06
CA THR D 38 -1.12 2.43 -20.06
C THR D 38 -2.17 3.41 -20.60
N VAL D 39 -2.32 3.51 -21.94
CA VAL D 39 -3.30 4.40 -22.57
C VAL D 39 -4.70 3.82 -22.36
N ARG D 40 -5.57 4.56 -21.66
CA ARG D 40 -6.94 4.17 -21.38
C ARG D 40 -7.95 5.20 -21.88
N GLU D 41 -9.20 4.74 -21.99
CA GLU D 41 -10.41 5.45 -22.34
C GLU D 41 -10.75 6.36 -21.14
N HIS D 42 -10.94 7.68 -21.39
CA HIS D 42 -11.21 8.64 -20.32
C HIS D 42 -12.62 9.17 -20.30
N ARG D 43 -13.18 9.34 -19.07
CA ARG D 43 -14.52 9.82 -18.75
C ARG D 43 -14.99 11.01 -19.60
N ASP D 44 -14.09 12.00 -19.80
CA ASP D 44 -14.30 13.26 -20.54
C ASP D 44 -14.37 13.13 -22.07
N GLY D 45 -14.19 11.92 -22.58
CA GLY D 45 -14.21 11.64 -24.02
C GLY D 45 -13.17 12.43 -24.79
N GLY D 46 -11.97 12.48 -24.23
CA GLY D 46 -10.82 13.18 -24.78
C GLY D 46 -10.93 14.69 -24.75
N HIS D 47 -11.55 15.25 -23.69
CA HIS D 47 -11.72 16.70 -23.57
C HIS D 47 -10.46 17.37 -23.09
N ALA D 48 -9.88 16.85 -21.98
CA ALA D 48 -8.67 17.37 -21.34
C ALA D 48 -7.38 17.04 -22.08
N GLY D 49 -7.12 15.74 -22.28
CA GLY D 49 -5.92 15.26 -22.95
C GLY D 49 -5.95 15.29 -24.45
N GLY D 50 -7.06 14.85 -25.03
CA GLY D 50 -7.27 14.79 -26.48
C GLY D 50 -7.78 13.45 -26.93
N ILE D 51 -8.07 13.33 -28.24
CA ILE D 51 -8.54 12.09 -28.87
C ILE D 51 -7.33 11.39 -29.48
N PHE D 52 -7.03 10.18 -28.98
CA PHE D 52 -5.91 9.34 -29.41
C PHE D 52 -6.10 7.93 -28.84
N ASN D 53 -5.18 7.02 -29.18
CA ASN D 53 -5.18 5.61 -28.73
C ASN D 53 -3.71 5.24 -28.51
N ARG D 54 -2.82 6.06 -29.10
CA ARG D 54 -1.38 5.87 -29.06
C ARG D 54 -0.65 7.19 -29.28
N TYR D 55 0.64 7.19 -28.99
CA TYR D 55 1.44 8.38 -29.17
C TYR D 55 2.48 8.15 -30.21
N ASN D 56 3.14 9.24 -30.57
CA ASN D 56 4.28 9.19 -31.43
C ASN D 56 5.43 9.62 -30.53
N ILE D 57 6.12 8.63 -29.92
CA ILE D 57 7.23 8.94 -29.02
C ILE D 57 8.38 9.49 -29.85
N LEU D 58 8.67 10.78 -29.69
CA LEU D 58 9.74 11.40 -30.45
C LEU D 58 11.08 11.25 -29.78
N LYS D 59 11.08 11.27 -28.43
CA LYS D 59 12.29 11.18 -27.61
C LYS D 59 12.02 10.70 -26.19
N ILE D 60 12.99 9.96 -25.63
CA ILE D 60 13.01 9.50 -24.24
C ILE D 60 14.43 9.82 -23.74
N GLN D 61 14.53 10.87 -22.90
CA GLN D 61 15.78 11.33 -22.33
C GLN D 61 15.75 11.04 -20.84
N LYS D 62 16.82 10.36 -20.36
CA LYS D 62 16.95 10.05 -18.94
C LYS D 62 17.53 11.28 -18.27
N VAL D 63 16.91 11.69 -17.15
CA VAL D 63 17.34 12.82 -16.34
C VAL D 63 18.32 12.29 -15.29
N CYS D 64 19.47 12.96 -15.18
CA CYS D 64 20.50 12.64 -14.18
C CYS D 64 20.81 13.95 -13.50
N ASN D 65 20.34 14.08 -12.27
CA ASN D 65 20.53 15.27 -11.45
C ASN D 65 20.72 14.72 -10.08
N LYS D 66 21.98 14.43 -9.74
CA LYS D 66 22.33 13.83 -8.47
C LYS D 66 21.82 14.55 -7.24
N LYS D 67 21.71 15.90 -7.30
CA LYS D 67 21.18 16.76 -6.25
C LYS D 67 19.74 16.34 -5.89
N LEU D 68 18.86 16.28 -6.90
CA LEU D 68 17.47 15.85 -6.75
C LEU D 68 17.42 14.39 -6.32
N TRP D 69 18.28 13.53 -6.91
CA TRP D 69 18.36 12.11 -6.57
C TRP D 69 18.70 11.89 -5.09
N GLU D 70 19.67 12.68 -4.56
CA GLU D 70 20.12 12.64 -3.16
C GLU D 70 18.99 13.06 -2.21
N ARG D 71 18.26 14.12 -2.57
CA ARG D 71 17.10 14.65 -1.87
C ARG D 71 16.00 13.56 -1.83
N TYR D 72 15.80 12.92 -2.99
CA TYR D 72 14.83 11.87 -3.19
C TYR D 72 15.09 10.64 -2.32
N THR D 73 16.33 10.11 -2.35
CA THR D 73 16.80 8.93 -1.59
C THR D 73 16.79 9.14 -0.09
N HIS D 74 17.12 10.37 0.36
CA HIS D 74 17.13 10.69 1.77
C HIS D 74 15.71 10.51 2.34
N ARG D 75 14.70 11.17 1.70
CA ARG D 75 13.31 11.09 2.08
C ARG D 75 12.77 9.66 1.92
N ARG D 76 13.25 8.93 0.89
CA ARG D 76 12.87 7.52 0.66
C ARG D 76 13.21 6.67 1.87
N LYS D 77 14.46 6.83 2.38
CA LYS D 77 14.97 6.16 3.57
C LYS D 77 14.09 6.48 4.76
N GLU D 78 13.76 7.79 4.98
CA GLU D 78 12.90 8.26 6.09
C GLU D 78 11.55 7.64 6.01
N VAL D 79 10.88 7.70 4.82
CA VAL D 79 9.53 7.14 4.60
C VAL D 79 9.58 5.64 4.85
N SER D 80 10.58 4.97 4.28
CA SER D 80 10.81 3.54 4.44
C SER D 80 10.86 3.25 5.96
N GLU D 81 11.73 3.95 6.69
CA GLU D 81 11.89 3.78 8.13
C GLU D 81 10.57 3.95 8.91
N GLU D 82 9.71 4.88 8.46
CA GLU D 82 8.39 5.16 9.05
C GLU D 82 7.39 4.12 8.57
N ASN D 83 7.65 3.44 7.45
CA ASN D 83 6.72 2.47 6.88
C ASN D 83 7.21 1.02 6.87
N HIS D 84 7.44 0.42 8.06
CA HIS D 84 7.87 -0.98 8.21
C HIS D 84 8.97 -1.44 7.24
N ASN D 85 9.84 -0.48 6.84
CA ASN D 85 10.99 -0.63 5.96
C ASN D 85 10.64 -0.83 4.51
N HIS D 86 9.45 -0.35 4.14
CA HIS D 86 8.91 -0.41 2.78
C HIS D 86 8.62 1.00 2.27
N ALA D 87 9.39 1.46 1.28
CA ALA D 87 9.26 2.81 0.70
C ALA D 87 8.00 2.94 -0.16
N ASN D 88 7.49 1.79 -0.67
CA ASN D 88 6.34 1.70 -1.58
C ASN D 88 6.60 2.65 -2.80
N GLU D 89 7.78 2.46 -3.41
CA GLU D 89 8.25 3.19 -4.57
C GLU D 89 7.58 2.65 -5.84
N ARG D 90 7.16 3.56 -6.70
CA ARG D 90 6.53 3.22 -7.95
C ARG D 90 7.07 4.12 -9.01
N MET D 91 7.01 3.63 -10.27
CA MET D 91 7.33 4.36 -11.48
C MET D 91 5.97 4.88 -12.04
N LEU D 92 5.76 6.21 -11.92
CA LEU D 92 4.53 6.88 -12.30
C LEU D 92 4.76 8.05 -13.22
N PHE D 93 3.80 8.32 -14.09
CA PHE D 93 3.88 9.45 -15.00
C PHE D 93 3.44 10.74 -14.29
N HIS D 94 3.84 11.87 -14.84
CA HIS D 94 3.47 13.20 -14.38
C HIS D 94 3.44 14.16 -15.59
N GLY D 95 2.36 14.90 -15.69
CA GLY D 95 2.17 15.92 -16.70
C GLY D 95 1.74 17.19 -16.00
N SER D 96 2.36 18.32 -16.42
CA SER D 96 2.11 19.69 -15.92
C SER D 96 2.91 20.69 -16.79
N PRO D 97 2.51 21.98 -16.87
CA PRO D 97 3.28 22.93 -17.70
C PRO D 97 4.71 23.21 -17.24
N PHE D 98 5.05 22.78 -16.01
CA PHE D 98 6.31 23.08 -15.32
C PHE D 98 7.36 22.00 -15.38
N VAL D 99 7.17 21.01 -16.25
CA VAL D 99 8.05 19.87 -16.47
C VAL D 99 9.55 20.25 -16.55
N ASN D 100 9.87 21.33 -17.28
CA ASN D 100 11.24 21.77 -17.49
C ASN D 100 11.92 22.27 -16.23
N ALA D 101 11.19 23.09 -15.45
CA ALA D 101 11.59 23.65 -14.16
C ALA D 101 11.86 22.45 -13.21
N ILE D 102 10.91 21.49 -13.17
CA ILE D 102 11.00 20.25 -12.38
C ILE D 102 12.32 19.48 -12.64
N ILE D 103 12.73 19.31 -13.93
CA ILE D 103 13.96 18.58 -14.33
C ILE D 103 15.22 19.19 -13.70
N HIS D 104 15.22 20.51 -13.54
CA HIS D 104 16.34 21.26 -13.03
C HIS D 104 16.27 21.51 -11.53
N LYS D 105 15.10 21.98 -11.03
CA LYS D 105 14.81 22.34 -9.62
C LYS D 105 14.10 21.24 -8.79
N GLY D 106 13.53 20.24 -9.45
CA GLY D 106 12.78 19.16 -8.81
C GLY D 106 11.34 19.51 -8.54
N PHE D 107 10.55 18.53 -8.05
CA PHE D 107 9.17 18.84 -7.72
C PHE D 107 9.14 19.70 -6.44
N ASP D 108 8.21 20.63 -6.39
CA ASP D 108 8.08 21.57 -5.29
C ASP D 108 6.62 21.71 -5.02
N GLU D 109 6.21 21.29 -3.83
CA GLU D 109 4.82 21.32 -3.33
C GLU D 109 4.36 22.73 -3.02
N ARG D 110 5.30 23.69 -2.93
CA ARG D 110 5.00 25.11 -2.72
C ARG D 110 4.33 25.70 -3.99
N HIS D 111 4.60 25.07 -5.16
CA HIS D 111 4.06 25.41 -6.47
C HIS D 111 2.79 24.66 -6.79
N ALA D 112 2.24 23.95 -5.81
CA ALA D 112 0.99 23.21 -5.90
C ALA D 112 0.02 23.90 -4.97
N TYR D 113 -1.24 24.10 -5.39
CA TYR D 113 -2.20 24.72 -4.46
C TYR D 113 -3.45 23.84 -4.20
N ILE D 114 -4.11 24.07 -3.03
CA ILE D 114 -5.30 23.34 -2.53
C ILE D 114 -6.46 23.16 -3.56
N GLY D 115 -6.53 24.04 -4.57
CA GLY D 115 -7.55 24.04 -5.62
C GLY D 115 -7.74 22.78 -6.45
N GLY D 116 -6.76 21.87 -6.44
CA GLY D 116 -6.81 20.62 -7.20
C GLY D 116 -7.70 19.59 -6.54
N MET D 117 -8.12 18.57 -7.30
CA MET D 117 -8.99 17.47 -6.88
C MET D 117 -8.68 16.86 -5.51
N PHE D 118 -7.39 16.56 -5.26
CA PHE D 118 -6.90 15.97 -4.00
C PHE D 118 -6.08 16.93 -3.08
N GLY D 119 -6.08 18.22 -3.41
CA GLY D 119 -5.42 19.26 -2.62
C GLY D 119 -4.14 19.81 -3.18
N ALA D 120 -3.32 20.42 -2.29
CA ALA D 120 -2.04 21.00 -2.64
C ALA D 120 -0.99 19.91 -2.70
N GLY D 121 -1.17 19.02 -3.67
CA GLY D 121 -0.25 17.93 -3.93
C GLY D 121 0.27 17.93 -5.35
N ILE D 122 1.34 17.16 -5.56
CA ILE D 122 1.94 16.95 -6.87
C ILE D 122 1.29 15.59 -7.30
N TYR D 123 0.63 15.58 -8.49
CA TYR D 123 -0.15 14.44 -9.00
C TYR D 123 0.63 13.56 -9.95
N PHE D 124 0.41 12.25 -9.83
CA PHE D 124 1.05 11.22 -10.60
C PHE D 124 0.00 10.20 -11.04
N ALA D 125 0.34 9.40 -12.06
CA ALA D 125 -0.59 8.41 -12.55
C ALA D 125 0.14 7.20 -13.12
N GLU D 126 -0.51 6.02 -13.06
CA GLU D 126 0.07 4.81 -13.60
C GLU D 126 -0.28 4.71 -15.07
N ASN D 127 -1.18 5.62 -15.55
CA ASN D 127 -1.67 5.72 -16.93
C ASN D 127 -1.17 6.99 -17.55
N SER D 128 -0.37 6.87 -18.62
CA SER D 128 0.19 8.05 -19.30
C SER D 128 -0.93 8.98 -19.79
N SER D 129 -2.04 8.37 -20.28
CA SER D 129 -3.18 9.12 -20.79
C SER D 129 -3.77 10.09 -19.75
N LYS D 130 -3.76 9.70 -18.45
CA LYS D 130 -4.23 10.56 -17.36
C LYS D 130 -3.27 11.73 -17.18
N SER D 131 -1.95 11.44 -17.10
CA SER D 131 -0.89 12.47 -16.97
C SER D 131 -0.91 13.44 -18.15
N ASN D 132 -1.27 12.93 -19.36
CA ASN D 132 -1.42 13.70 -20.59
C ASN D 132 -2.48 14.81 -20.47
N GLN D 133 -3.51 14.59 -19.64
CA GLN D 133 -4.60 15.56 -19.41
C GLN D 133 -4.10 16.84 -18.71
N TYR D 134 -2.98 16.74 -17.94
CA TYR D 134 -2.45 17.88 -17.21
C TYR D 134 -1.28 18.60 -17.86
N VAL D 135 -0.75 18.06 -18.98
CA VAL D 135 0.38 18.60 -19.74
C VAL D 135 0.24 20.11 -19.99
N TYR D 136 -0.96 20.58 -20.42
CA TYR D 136 -1.22 22.00 -20.74
C TYR D 136 -1.87 22.84 -19.63
N GLY D 137 -2.18 22.17 -18.52
CA GLY D 137 -2.77 22.72 -17.30
C GLY D 137 -3.85 21.80 -16.77
N ILE D 138 -4.51 22.20 -15.63
CA ILE D 138 -5.63 21.47 -15.03
C ILE D 138 -6.74 21.26 -16.09
N GLY D 139 -6.96 20.01 -16.46
CA GLY D 139 -7.93 19.63 -17.48
C GLY D 139 -7.61 20.13 -18.89
N GLY D 140 -6.33 20.21 -19.22
CA GLY D 140 -5.84 20.66 -20.53
C GLY D 140 -5.58 22.15 -20.69
N GLY D 141 -5.93 22.95 -19.67
CA GLY D 141 -5.76 24.40 -19.71
C GLY D 141 -6.45 24.98 -20.92
N THR D 142 -5.70 25.69 -21.78
CA THR D 142 -6.21 26.26 -23.05
C THR D 142 -5.71 25.45 -24.26
N GLY D 143 -5.07 24.30 -23.98
CA GLY D 143 -4.44 23.47 -24.99
C GLY D 143 -3.03 23.98 -25.31
N CYS D 144 -2.48 23.57 -26.47
CA CYS D 144 -1.13 23.92 -26.91
C CYS D 144 -0.88 25.43 -27.05
N PRO D 145 0.36 25.92 -26.80
CA PRO D 145 0.62 27.36 -26.93
C PRO D 145 0.58 27.91 -28.36
N VAL D 146 0.68 27.03 -29.38
CA VAL D 146 0.67 27.44 -30.79
C VAL D 146 -0.76 27.56 -31.34
N HIS D 147 -1.52 26.45 -31.37
CA HIS D 147 -2.87 26.38 -31.94
C HIS D 147 -4.03 26.45 -30.94
N LYS D 148 -3.74 26.54 -29.62
CA LYS D 148 -4.74 26.55 -28.52
C LYS D 148 -5.75 25.39 -28.55
N ASP D 149 -5.27 24.24 -29.07
CA ASP D 149 -5.95 22.98 -29.25
C ASP D 149 -5.54 21.98 -28.13
N ARG D 150 -6.55 21.40 -27.43
CA ARG D 150 -6.36 20.43 -26.36
C ARG D 150 -6.04 19.07 -26.95
N SER D 151 -6.58 18.80 -28.17
CA SER D 151 -6.35 17.58 -28.94
C SER D 151 -5.34 17.83 -30.10
N CYS D 152 -4.38 18.75 -29.93
CA CYS D 152 -3.39 19.08 -30.96
C CYS D 152 -2.50 17.90 -31.34
N TYR D 153 -2.33 17.67 -32.64
CA TYR D 153 -1.54 16.54 -33.12
C TYR D 153 -0.18 16.95 -33.62
N ILE D 154 0.01 18.25 -33.78
CA ILE D 154 1.24 18.84 -34.29
C ILE D 154 2.22 19.10 -33.16
N CYS D 155 1.79 19.87 -32.16
CA CYS D 155 2.63 20.30 -31.05
C CYS D 155 3.09 19.19 -30.15
N HIS D 156 4.39 19.25 -29.80
CA HIS D 156 5.08 18.31 -28.93
C HIS D 156 4.73 18.58 -27.49
N ARG D 157 4.33 17.50 -26.81
CA ARG D 157 3.99 17.48 -25.39
C ARG D 157 5.11 16.79 -24.65
N GLN D 158 5.21 17.07 -23.33
CA GLN D 158 6.22 16.42 -22.48
C GLN D 158 5.69 15.78 -21.22
N LEU D 159 6.02 14.50 -21.02
CA LEU D 159 5.68 13.76 -19.80
C LEU D 159 6.96 13.43 -19.05
N LEU D 160 6.83 13.24 -17.77
CA LEU D 160 7.95 12.76 -16.98
C LEU D 160 7.50 11.39 -16.52
N PHE D 161 8.45 10.42 -16.51
CA PHE D 161 8.20 9.08 -15.96
C PHE D 161 9.03 9.05 -14.68
N CYS D 162 8.37 9.20 -13.54
CA CYS D 162 9.00 9.42 -12.23
C CYS D 162 9.03 8.26 -11.25
N ARG D 163 10.06 8.26 -10.40
CA ARG D 163 10.28 7.35 -9.28
C ARG D 163 9.61 8.04 -8.11
N VAL D 164 8.52 7.44 -7.60
CA VAL D 164 7.70 8.07 -6.56
C VAL D 164 7.61 7.21 -5.31
N THR D 165 7.84 7.82 -4.15
CA THR D 165 7.78 7.19 -2.85
C THR D 165 6.36 7.42 -2.34
N LEU D 166 5.56 6.31 -2.27
CA LEU D 166 4.20 6.39 -1.76
C LEU D 166 4.05 6.17 -0.26
N GLY D 167 4.97 5.37 0.30
CA GLY D 167 4.94 5.01 1.71
C GLY D 167 3.59 4.42 2.06
N LYS D 168 3.02 4.87 3.21
CA LYS D 168 1.69 4.37 3.52
C LYS D 168 0.72 5.27 2.77
N SER D 169 0.14 4.75 1.70
CA SER D 169 -0.76 5.53 0.84
C SER D 169 -2.17 5.55 1.35
N PHE D 170 -2.72 6.72 1.55
CA PHE D 170 -4.10 6.86 2.00
C PHE D 170 -5.05 6.63 0.83
N LEU D 171 -5.96 5.66 0.97
CA LEU D 171 -6.95 5.41 -0.07
C LEU D 171 -8.10 6.39 0.13
N GLN D 172 -8.36 7.23 -0.88
CA GLN D 172 -9.42 8.22 -0.83
C GLN D 172 -10.33 8.16 -2.06
N PHE D 173 -11.62 7.81 -1.81
CA PHE D 173 -12.69 7.70 -2.82
C PHE D 173 -13.26 9.05 -3.28
N SER D 174 -13.93 9.78 -2.36
CA SER D 174 -14.49 11.10 -2.67
C SER D 174 -13.37 12.11 -2.60
N ALA D 175 -13.39 13.10 -3.51
CA ALA D 175 -12.36 14.13 -3.56
C ALA D 175 -12.31 14.94 -2.27
N MET D 176 -11.14 14.91 -1.61
CA MET D 176 -10.86 15.63 -0.37
C MET D 176 -9.62 16.48 -0.63
N LYS D 177 -9.78 17.82 -0.55
CA LYS D 177 -8.66 18.74 -0.79
C LYS D 177 -7.85 18.89 0.49
N MET D 178 -6.70 18.18 0.52
CA MET D 178 -5.80 18.11 1.66
C MET D 178 -4.59 19.01 1.47
N ALA D 179 -4.00 19.41 2.59
CA ALA D 179 -2.81 20.26 2.64
C ALA D 179 -1.63 19.34 2.69
N HIS D 180 -1.73 18.23 3.46
CA HIS D 180 -0.70 17.21 3.67
C HIS D 180 -1.37 15.88 3.63
N SER D 181 -0.56 14.81 3.59
CA SER D 181 -1.08 13.45 3.62
C SER D 181 -1.75 13.24 5.02
N PRO D 182 -2.76 12.34 5.18
CA PRO D 182 -3.34 12.12 6.52
C PRO D 182 -2.29 11.59 7.50
N PRO D 183 -2.49 11.81 8.81
CA PRO D 183 -1.50 11.32 9.77
C PRO D 183 -1.19 9.86 9.55
N GLY D 184 0.07 9.50 9.70
CA GLY D 184 0.55 8.14 9.53
C GLY D 184 0.77 7.75 8.08
N HIS D 185 0.34 8.63 7.13
CA HIS D 185 0.42 8.35 5.69
C HIS D 185 1.43 9.24 5.01
N HIS D 186 1.94 8.78 3.86
CA HIS D 186 2.99 9.46 3.11
C HIS D 186 2.61 9.94 1.74
N SER D 187 1.41 9.58 1.28
CA SER D 187 0.76 9.95 0.01
C SER D 187 -0.73 9.61 0.05
N VAL D 188 -1.43 9.90 -1.05
CA VAL D 188 -2.84 9.66 -1.25
C VAL D 188 -3.02 8.92 -2.58
N THR D 189 -3.76 7.78 -2.55
CA THR D 189 -4.16 7.01 -3.72
C THR D 189 -5.61 7.39 -3.96
N GLY D 190 -5.87 7.98 -5.09
CA GLY D 190 -7.22 8.40 -5.45
C GLY D 190 -7.80 7.48 -6.50
N ARG D 191 -8.98 6.90 -6.19
CA ARG D 191 -9.71 6.00 -7.08
C ARG D 191 -11.21 6.31 -7.14
N ALA D 200 -6.71 5.48 -11.48
CA ALA D 200 -5.92 5.72 -10.27
C ALA D 200 -4.84 6.80 -10.38
N GLU D 201 -4.95 7.80 -9.49
CA GLU D 201 -4.04 8.93 -9.33
C GLU D 201 -3.32 8.86 -7.95
N TYR D 202 -2.06 9.28 -7.92
CA TYR D 202 -1.27 9.32 -6.68
C TYR D 202 -0.85 10.74 -6.40
N VAL D 203 -1.07 11.17 -5.16
CA VAL D 203 -0.75 12.54 -4.74
C VAL D 203 0.30 12.56 -3.66
N ILE D 204 1.46 13.19 -3.90
CA ILE D 204 2.45 13.35 -2.84
C ILE D 204 2.36 14.79 -2.32
N TYR D 205 2.77 15.04 -1.06
CA TYR D 205 2.67 16.41 -0.51
C TYR D 205 4.00 17.05 -0.21
N ARG D 206 5.07 16.33 -0.53
CA ARG D 206 6.46 16.69 -0.37
C ARG D 206 7.16 16.37 -1.66
N GLY D 207 7.68 17.42 -2.29
CA GLY D 207 8.42 17.36 -3.54
C GLY D 207 9.56 16.39 -3.63
N GLU D 208 10.28 16.20 -2.54
CA GLU D 208 11.39 15.28 -2.44
C GLU D 208 10.96 13.80 -2.48
N GLN D 209 9.61 13.52 -2.52
CA GLN D 209 9.11 12.13 -2.60
C GLN D 209 8.99 11.61 -4.04
N ALA D 210 9.34 12.43 -5.04
CA ALA D 210 9.36 12.04 -6.45
C ALA D 210 10.65 12.49 -7.13
N TYR D 211 11.24 11.63 -7.97
CA TYR D 211 12.43 11.94 -8.76
C TYR D 211 12.04 11.90 -10.27
N PRO D 212 12.18 13.02 -11.06
CA PRO D 212 11.80 12.96 -12.49
C PRO D 212 12.88 12.22 -13.29
N GLU D 213 12.74 10.90 -13.42
CA GLU D 213 13.74 10.04 -14.03
C GLU D 213 13.85 10.11 -15.55
N TYR D 214 12.72 10.21 -16.25
CA TYR D 214 12.67 10.23 -17.71
C TYR D 214 11.83 11.34 -18.26
N LEU D 215 12.39 12.06 -19.22
CA LEU D 215 11.65 13.09 -19.95
C LEU D 215 11.23 12.51 -21.34
N ILE D 216 9.91 12.52 -21.61
CA ILE D 216 9.33 11.98 -22.84
C ILE D 216 8.77 13.11 -23.69
N THR D 217 9.30 13.25 -24.92
CA THR D 217 8.82 14.21 -25.92
C THR D 217 7.95 13.35 -26.84
N TYR D 218 6.69 13.77 -27.01
CA TYR D 218 5.76 12.97 -27.79
C TYR D 218 4.67 13.81 -28.43
N GLN D 219 3.80 13.12 -29.17
CA GLN D 219 2.62 13.65 -29.79
C GLN D 219 1.56 12.62 -29.62
N ILE D 220 0.33 13.05 -29.33
CA ILE D 220 -0.83 12.16 -29.30
C ILE D 220 -1.17 11.96 -30.79
N MET D 221 -1.72 10.79 -31.16
CA MET D 221 -2.00 10.53 -32.57
C MET D 221 -3.47 10.42 -32.91
N ARG D 222 -3.91 11.11 -33.99
CA ARG D 222 -5.29 11.08 -34.46
C ARG D 222 -5.69 9.64 -34.70
N PRO D 223 -6.79 9.15 -34.06
CA PRO D 223 -7.15 7.69 -34.18
C PRO D 223 -7.34 7.13 -35.59
ZN ZN E . -9.63 -16.49 -39.45
CAF 33C F . -2.89 -11.58 -19.22
CAH 33C F . -3.89 -12.56 -19.21
CAI 33C F . -0.77 -15.86 -17.74
CAJ 33C F . -4.97 -18.63 -18.79
CAD 33C F . -9.42 -21.21 -20.62
CAE 33C F . -10.00 -20.01 -20.57
CAL 33C F . -6.24 -19.19 -18.88
CAN 33C F . -1.58 -11.91 -18.84
CAS 33C F . -3.10 -17.57 -17.46
CAO 33C F . -0.02 -13.59 -18.10
CAP 33C F . -11.55 -21.54 -19.73
CAW 33C F . -7.00 -19.38 -17.72
CAV 33C F . -4.44 -18.30 -17.56
CBB 33C F . -11.12 -20.10 -19.52
CBA 33C F . -10.17 -22.11 -19.59
CAZ 33C F . -2.34 -14.18 -18.51
CAY 33C F . -1.30 -13.23 -18.49
CAU 33C F . -9.36 -19.29 -17.88
CAX 33C F . -2.07 -15.50 -18.12
NAQ 33C F . -3.60 -13.81 -18.86
CAG 33C F . 0.26 -14.93 -17.74
NAR 33C F . -3.09 -16.39 -18.09
OAA 33C F . -2.17 -18.04 -16.81
CAK 33C F . -5.19 -18.50 -16.41
CAM 33C F . -6.48 -19.03 -16.49
NBC 33C F . -8.20 -19.95 -17.84
CAT 33C F . -8.37 -21.27 -17.98
OAB 33C F . -7.45 -22.10 -18.01
CBD 33C F . -9.84 -21.61 -18.16
CBE 33C F . -10.54 -20.24 -18.10
OAC 33C F . -9.50 -18.06 -17.80
N3 3AB G . -12.53 -26.06 -19.73
C3 3AB G . -11.33 -26.51 -20.10
C2 3AB G . -10.42 -25.67 -20.75
C4 3AB G . -10.96 -27.83 -19.83
C5 3AB G . -9.71 -28.30 -20.24
C6 3AB G . -8.82 -27.47 -20.90
C1 3AB G . -9.18 -26.15 -21.17
C1' 3AB G . -8.16 -25.23 -21.85
O1' 3AB G . -7.21 -25.69 -22.47
N1' 3AB G . -8.36 -23.94 -21.69
ZN ZN H . -7.10 22.22 37.09
CAF 33C I . -1.18 13.39 17.93
CAH 33C I . -1.46 14.75 17.74
CAI 33C I . 3.02 15.67 16.39
CAJ 33C I . 0.66 20.21 17.10
CAD 33C I . -2.29 25.02 18.29
CAE 33C I . -3.37 24.25 18.09
CAL 33C I . -0.16 21.34 17.06
CAN 33C I . 0.13 12.95 17.71
CAS 33C I . 2.00 18.44 15.92
CAO 33C I . 2.40 13.42 17.01
CAP 33C I . -3.74 26.20 16.88
CAW 33C I . -0.52 21.89 15.83
CAV 33C I . 1.17 19.70 15.90
CBB 33C I . -4.05 24.71 16.78
CBA 33C I . -2.24 26.00 17.09
CAZ 33C I . 0.75 15.21 17.10
CAY 33C I . 1.10 13.85 17.27
CAU 33C I . -2.63 22.95 15.59
CAX 33C I . 1.73 16.13 16.67
NAQ 33C I . -0.52 15.61 17.35
CAG 33C I . 3.37 14.33 16.59
NAR 33C I . 1.35 17.41 16.50
OAA 33C I . 3.11 18.43 15.41
CAK 33C I . 0.83 20.26 14.66
CAM 33C I . -0.03 21.35 14.64
NBC 33C I . -1.31 22.97 15.77
CAT 33C I . -0.83 24.21 15.90
OAB 33C I . 0.36 24.47 16.08
CBD 33C I . -1.94 25.25 15.77
CBE 33C I . -3.19 24.37 15.55
OAC 33C I . -3.32 21.94 15.44
ZN ZN J . -13.39 -18.80 30.06
CAF 33C K . -7.62 -27.12 10.09
CAH 33C K . -8.15 -25.84 9.91
CAI 33C K . -3.97 -24.19 8.29
CAJ 33C K . -7.19 -20.18 6.69
CAD 33C K . -10.26 -15.52 10.38
CAE 33C K . -11.25 -16.41 10.45
CAL 33C K . -8.15 -19.18 6.73
CAN 33C K . -6.28 -27.35 9.77
CAS 33C K . -5.55 -21.69 7.82
CAO 33C K . -4.16 -26.51 8.95
CAP 33C K . -12.07 -14.64 9.18
CAW 33C K . -8.53 -18.62 7.96
CAV 33C K . -6.57 -20.57 7.88
CBB 33C K . -12.20 -16.14 9.26
CBA 33C K . -10.56 -14.65 9.13
CAZ 33C K . -6.08 -25.04 9.14
CAY 33C K . -5.51 -26.30 9.29
CAU 33C K . -10.76 -17.86 8.01
CAX 33C K . -5.32 -23.98 8.63
NAQ 33C K . -7.39 -24.85 9.44
CAG 33C K . -3.40 -25.45 8.46
NAR 33C K . -5.94 -22.80 8.50
OAA 33C K . -4.53 -21.55 7.15
CAK 33C K . -6.94 -20.04 9.11
CAM 33C K . -7.92 -19.04 9.15
NBC 33C K . -9.44 -17.66 7.96
CAT 33C K . -9.12 -16.37 7.84
OAB 33C K . -7.96 -15.94 7.74
CBD 33C K . -10.38 -15.49 7.83
CBE 33C K . -11.52 -16.51 7.93
OAC 33C K . -11.30 -18.96 8.14
N3 3AB L . -11.42 -10.89 9.01
C3 3AB L . -10.28 -10.65 9.65
C2 3AB L . -9.63 -11.66 10.38
C4 3AB L . -9.71 -9.37 9.59
C5 3AB L . -8.51 -9.11 10.26
C6 3AB L . -7.88 -10.13 10.98
C1 3AB L . -8.43 -11.41 11.04
C1' 3AB L . -7.73 -12.51 11.84
O1' 3AB L . -6.87 -12.22 12.67
N1' 3AB L . -8.13 -13.77 11.57
ZN ZN M . -0.57 22.74 -31.35
CAF 33C N . 7.55 27.22 -11.47
CAH 33C N . 6.36 26.48 -11.44
CAI 33C N . 8.57 22.70 -9.52
CAJ 33C N . 3.79 21.06 -10.78
CAD 33C N . -1.38 19.11 -12.44
CAE 33C N . -1.75 20.40 -12.33
CAL 33C N . 2.44 20.74 -10.90
CAN 33C N . 8.73 26.63 -10.99
CAS 33C N . 5.85 21.54 -9.33
CAO 33C N . 9.83 24.72 -10.01
CAP 33C N . -3.38 19.14 -11.25
CAW 33C N . 1.70 20.45 -9.76
CAV 33C N . 4.39 21.11 -9.51
CBB 33C N . -2.69 20.49 -11.12
CBA 33C N . -2.09 18.36 -11.30
CAZ 33C N . 7.44 24.64 -10.45
CAY 33C N . 8.67 25.33 -10.47
CAU 33C N . -0.57 20.98 -9.74
CAX 33C N . 7.39 23.30 -9.99
NAQ 33C N . 6.33 25.24 -10.95
CAG 33C N . 9.78 23.41 -9.53
NAR 33C N . 6.21 22.66 -9.98
OAA 33C N . 6.57 20.90 -8.58
CAK 33C N . 3.63 20.87 -8.38
CAM 33C N . 2.30 20.52 -8.50
NBC 33C N . 0.43 20.11 -9.83
CAT 33C N . 0.00 18.85 -9.91
OAB 33C N . 0.74 17.86 -9.99
CBD 33C N . -1.52 18.78 -9.92
CBE 33C N . -1.93 20.25 -9.79
OAC 33C N . -0.40 22.19 -9.61
#